data_2Z9X
#
_entry.id   2Z9X
#
_cell.length_a   68.720
_cell.length_b   68.720
_cell.length_c   311.942
_cell.angle_alpha   90.00
_cell.angle_beta   90.00
_cell.angle_gamma   90.00
#
_symmetry.space_group_name_H-M   'P 43 21 2'
#
loop_
_entity.id
_entity.type
_entity.pdbx_description
1 polymer 'Aspartate aminotransferase'
2 non-polymer 'SULFATE ION'
3 non-polymer 'CHLORIDE ION'
4 non-polymer ALANINE
5 non-polymer 3-HYDROXY-5-(HYDROXYMETHYL)-2-METHYLISONICOTINALDEHYDE
6 non-polymer GLYCEROL
7 water water
#
_entity_poly.entity_id   1
_entity_poly.type   'polypeptide(L)'
_entity_poly.pdbx_seq_one_letter_code
;MRYPEHADPVITLTAGPVNAYPEVLRGLGRTVLYDYDPAFQLLYEKVVDKAQKAMRLSNKPVILHGEPVLGLEAAAASLI
SPDDVVLNLASGVYGKGFGYWAKRYSPHLLEIEVPYNEAIDPQAVADMLKAHPEITVVSVCHHDTPSGTINPIDAIGALV
SAHGAYLIVDAVSSFGGMKTHPEDCKADIYVTGPNKCLGAPPGLTMMGVSERAWAKMKANPLAPRASMLSIVDWENAWSR
DKPFPFTPSVSEINGLDVALDLYLNEGPEAVWARHALTAKAMRAGVTAMGLSVWAASDSIASPTTTAVRTPDGVDEKALR
QAARARYGVVFSSGRGETLGKLTRIGHMGPTAQPIYAIAALTALGGAMNAAGRKLAIGKGIEAALAVIDADA
;
_entity_poly.pdbx_strand_id   A,B
#
# COMPACT_ATOMS: atom_id res chain seq x y z
N MET A 1 18.92 -27.16 -21.46
CA MET A 1 17.97 -27.05 -20.33
C MET A 1 17.07 -25.84 -20.52
N ARG A 2 15.94 -25.84 -19.82
CA ARG A 2 14.96 -24.75 -19.90
C ARG A 2 14.38 -24.46 -18.54
N TYR A 3 14.24 -23.17 -18.23
CA TYR A 3 13.63 -22.71 -16.98
C TYR A 3 12.13 -22.62 -17.15
N PRO A 4 11.37 -23.37 -16.32
CA PRO A 4 9.90 -23.32 -16.46
C PRO A 4 9.35 -21.94 -16.07
N GLU A 5 8.31 -21.50 -16.77
CA GLU A 5 7.66 -20.23 -16.45
C GLU A 5 7.10 -20.17 -15.03
N HIS A 6 6.67 -21.32 -14.50
CA HIS A 6 6.04 -21.41 -13.16
CA HIS A 6 6.02 -21.36 -13.18
C HIS A 6 7.05 -21.31 -12.02
N ALA A 7 8.29 -21.69 -12.30
CA ALA A 7 9.36 -21.67 -11.29
C ALA A 7 10.08 -20.33 -11.29
N ASP A 8 10.69 -19.99 -10.16
CA ASP A 8 11.43 -18.75 -10.03
C ASP A 8 12.58 -18.62 -11.01
N PRO A 9 12.94 -17.37 -11.38
CA PRO A 9 14.09 -17.20 -12.29
C PRO A 9 15.40 -17.21 -11.49
N VAL A 10 16.52 -17.10 -12.18
CA VAL A 10 17.83 -17.07 -11.52
C VAL A 10 18.22 -15.62 -11.17
N ILE A 11 18.09 -14.71 -12.15
CA ILE A 11 18.41 -13.29 -11.95
C ILE A 11 17.36 -12.39 -12.58
N THR A 12 16.82 -11.46 -11.79
CA THR A 12 15.85 -10.49 -12.27
C THR A 12 16.56 -9.14 -12.47
N LEU A 13 16.55 -8.67 -13.71
CA LEU A 13 17.24 -7.44 -14.09
C LEU A 13 16.25 -6.49 -14.75
N THR A 14 15.16 -6.28 -14.05
CA THR A 14 14.02 -5.49 -14.52
C THR A 14 14.14 -4.04 -14.08
N ALA A 15 13.22 -3.19 -14.58
CA ALA A 15 13.30 -1.75 -14.34
C ALA A 15 12.17 -1.23 -13.46
N GLY A 16 11.49 -2.12 -12.74
CA GLY A 16 10.46 -1.71 -11.77
C GLY A 16 9.20 -2.56 -11.96
N PRO A 17 8.85 -3.37 -10.94
CA PRO A 17 9.56 -3.57 -9.69
C PRO A 17 10.94 -4.20 -9.92
N VAL A 18 11.77 -4.22 -8.87
CA VAL A 18 13.09 -4.84 -8.87
C VAL A 18 13.25 -5.63 -7.56
N ASN A 19 14.22 -6.53 -7.48
CA ASN A 19 14.47 -7.20 -6.19
CA ASN A 19 14.48 -7.19 -6.21
C ASN A 19 14.92 -6.19 -5.16
N ALA A 20 14.47 -6.40 -3.93
CA ALA A 20 14.94 -5.65 -2.78
C ALA A 20 16.28 -6.22 -2.26
N TYR A 21 17.05 -5.40 -1.54
CA TYR A 21 18.24 -5.89 -0.82
C TYR A 21 17.86 -6.98 0.19
N PRO A 22 18.71 -8.03 0.30
CA PRO A 22 18.42 -9.11 1.26
C PRO A 22 18.22 -8.58 2.67
N GLU A 23 18.98 -7.55 3.10
CA GLU A 23 18.79 -6.97 4.44
CA GLU A 23 18.78 -7.02 4.44
C GLU A 23 17.40 -6.36 4.58
N VAL A 24 16.91 -5.75 3.51
CA VAL A 24 15.59 -5.12 3.54
C VAL A 24 14.51 -6.21 3.66
N LEU A 25 14.67 -7.28 2.89
CA LEU A 25 13.72 -8.40 2.92
C LEU A 25 13.61 -9.00 4.34
N ARG A 26 14.72 -9.06 5.05
CA ARG A 26 14.73 -9.53 6.45
CA ARG A 26 14.67 -9.56 6.42
C ARG A 26 14.06 -8.50 7.36
N GLY A 27 14.30 -7.22 7.07
CA GLY A 27 13.64 -6.09 7.76
C GLY A 27 12.12 -6.13 7.67
N LEU A 28 11.59 -6.55 6.52
CA LEU A 28 10.14 -6.73 6.35
C LEU A 28 9.56 -7.75 7.32
N GLY A 29 10.41 -8.68 7.76
CA GLY A 29 9.98 -9.76 8.66
C GLY A 29 9.95 -9.36 10.12
N ARG A 30 10.25 -8.10 10.44
CA ARG A 30 10.15 -7.67 11.83
C ARG A 30 8.72 -7.84 12.32
N THR A 31 8.55 -8.11 13.61
CA THR A 31 7.22 -8.16 14.24
CA THR A 31 7.20 -8.19 14.16
C THR A 31 6.46 -6.88 13.88
N VAL A 32 5.18 -7.02 13.55
CA VAL A 32 4.33 -5.87 13.23
C VAL A 32 3.81 -5.28 14.54
N LEU A 33 4.29 -4.09 14.89
CA LEU A 33 3.82 -3.42 16.09
C LEU A 33 2.50 -2.71 15.85
N TYR A 34 1.76 -2.47 16.94
CA TYR A 34 0.65 -1.52 16.94
C TYR A 34 1.21 -0.19 16.43
N ASP A 35 0.50 0.50 15.53
CA ASP A 35 1.03 1.77 15.04
C ASP A 35 1.10 2.86 16.13
N TYR A 36 0.30 2.71 17.19
CA TYR A 36 0.35 3.66 18.31
C TYR A 36 1.23 3.18 19.49
N ASP A 37 1.93 2.06 19.29
CA ASP A 37 2.99 1.66 20.20
C ASP A 37 4.07 2.75 20.16
N PRO A 38 4.53 3.23 21.33
CA PRO A 38 5.53 4.29 21.32
C PRO A 38 6.82 3.92 20.57
N ALA A 39 7.14 2.62 20.52
CA ALA A 39 8.32 2.17 19.78
C ALA A 39 8.13 2.33 18.27
N PHE A 40 6.90 2.12 17.79
CA PHE A 40 6.64 2.34 16.38
C PHE A 40 6.55 3.82 16.05
N GLN A 41 5.93 4.59 16.95
CA GLN A 41 5.83 6.04 16.77
C GLN A 41 7.24 6.64 16.62
N LEU A 42 8.15 6.15 17.47
CA LEU A 42 9.54 6.62 17.40
C LEU A 42 10.20 6.21 16.08
N LEU A 43 10.04 4.93 15.74
CA LEU A 43 10.61 4.39 14.50
CA LEU A 43 10.62 4.40 14.52
C LEU A 43 10.12 5.18 13.29
N TYR A 44 8.80 5.42 13.22
CA TYR A 44 8.24 6.15 12.07
C TYR A 44 8.87 7.54 11.97
N GLU A 45 8.97 8.24 13.09
CA GLU A 45 9.62 9.54 13.11
C GLU A 45 11.06 9.46 12.59
N LYS A 46 11.80 8.45 13.07
CA LYS A 46 13.19 8.31 12.66
CA LYS A 46 13.20 8.22 12.68
C LYS A 46 13.34 7.93 11.19
N VAL A 47 12.38 7.18 10.65
CA VAL A 47 12.40 6.86 9.21
C VAL A 47 12.21 8.12 8.38
N VAL A 48 11.30 8.99 8.80
CA VAL A 48 11.10 10.27 8.10
C VAL A 48 12.40 11.12 8.17
N ASP A 49 13.06 11.10 9.31
CA ASP A 49 14.33 11.83 9.50
CA ASP A 49 14.31 11.84 9.48
C ASP A 49 15.41 11.31 8.55
N LYS A 50 15.49 9.99 8.38
CA LYS A 50 16.48 9.35 7.51
C LYS A 50 16.15 9.66 6.05
N ALA A 51 14.85 9.64 5.70
CA ALA A 51 14.37 10.08 4.41
C ALA A 51 14.79 11.56 4.15
N GLN A 52 14.59 12.43 5.13
CA GLN A 52 14.96 13.85 4.98
C GLN A 52 16.47 13.98 4.70
N LYS A 53 17.26 13.22 5.44
CA LYS A 53 18.72 13.24 5.25
C LYS A 53 19.12 12.76 3.86
N ALA A 54 18.55 11.63 3.44
CA ALA A 54 18.87 11.05 2.13
C ALA A 54 18.46 11.96 1.00
N MET A 55 17.35 12.66 1.18
CA MET A 55 16.81 13.53 0.14
C MET A 55 17.43 14.95 0.23
N ARG A 56 18.37 15.15 1.16
CA ARG A 56 18.97 16.47 1.47
C ARG A 56 17.95 17.59 1.67
N LEU A 57 16.86 17.26 2.34
CA LEU A 57 15.73 18.18 2.46
C LEU A 57 15.84 19.10 3.64
N SER A 58 15.47 20.36 3.43
CA SER A 58 15.45 21.33 4.52
C SER A 58 14.23 21.17 5.42
N ASN A 59 13.20 20.49 4.92
CA ASN A 59 12.03 20.19 5.75
C ASN A 59 11.67 18.70 5.67
N LYS A 60 10.63 18.26 6.37
CA LYS A 60 10.31 16.83 6.38
C LYS A 60 9.67 16.36 5.07
N PRO A 61 10.16 15.23 4.50
CA PRO A 61 9.42 14.70 3.38
C PRO A 61 8.15 13.98 3.92
N VAL A 62 7.13 13.83 3.07
CA VAL A 62 5.93 13.08 3.46
C VAL A 62 6.01 11.66 2.92
N ILE A 63 5.79 10.68 3.79
CA ILE A 63 5.60 9.30 3.31
C ILE A 63 4.10 9.03 3.11
N LEU A 64 3.72 8.64 1.90
CA LEU A 64 2.35 8.24 1.65
C LEU A 64 2.28 6.73 1.49
N HIS A 65 1.14 6.15 1.86
CA HIS A 65 1.04 4.71 1.98
C HIS A 65 0.38 4.02 0.78
N GLY A 66 1.00 4.26 -0.37
CA GLY A 66 0.62 3.66 -1.62
C GLY A 66 1.85 3.80 -2.50
N GLU A 67 1.98 2.97 -3.54
CA GLU A 67 3.14 3.11 -4.43
C GLU A 67 3.07 4.46 -5.17
N PRO A 68 4.19 4.90 -5.76
CA PRO A 68 4.28 6.28 -6.26
C PRO A 68 3.22 6.84 -7.23
N VAL A 69 2.44 6.02 -7.93
CA VAL A 69 1.31 6.61 -8.71
C VAL A 69 0.37 7.36 -7.78
N LEU A 70 0.33 6.95 -6.49
CA LEU A 70 -0.45 7.69 -5.48
C LEU A 70 0.10 9.11 -5.30
N GLY A 71 1.41 9.22 -5.18
CA GLY A 71 2.04 10.53 -4.99
C GLY A 71 1.80 11.43 -6.19
N LEU A 72 1.92 10.88 -7.41
CA LEU A 72 1.71 11.65 -8.63
C LEU A 72 0.29 12.18 -8.75
N GLU A 73 -0.68 11.29 -8.54
CA GLU A 73 -2.10 11.69 -8.56
C GLU A 73 -2.44 12.69 -7.46
N ALA A 74 -1.95 12.45 -6.24
CA ALA A 74 -2.25 13.32 -5.11
C ALA A 74 -1.64 14.70 -5.32
N ALA A 75 -0.44 14.74 -5.90
CA ALA A 75 0.22 16.02 -6.23
C ALA A 75 -0.61 16.83 -7.24
N ALA A 76 -1.07 16.20 -8.32
CA ALA A 76 -1.98 16.87 -9.25
C ALA A 76 -3.26 17.34 -8.58
N ALA A 77 -3.85 16.46 -7.75
CA ALA A 77 -5.14 16.77 -7.10
C ALA A 77 -5.05 17.91 -6.12
N SER A 78 -3.90 18.02 -5.46
CA SER A 78 -3.69 19.03 -4.41
C SER A 78 -3.04 20.35 -4.89
N LEU A 79 -2.14 20.28 -5.85
CA LEU A 79 -1.37 21.47 -6.25
C LEU A 79 -1.98 22.23 -7.43
N ILE A 80 -2.78 21.55 -8.24
CA ILE A 80 -3.37 22.13 -9.45
C ILE A 80 -4.82 22.44 -9.16
N SER A 81 -5.11 23.74 -9.19
CA SER A 81 -6.46 24.29 -8.99
C SER A 81 -7.02 24.65 -10.34
N PRO A 82 -8.36 24.85 -10.44
CA PRO A 82 -8.96 25.10 -11.75
C PRO A 82 -8.49 26.39 -12.45
N ASP A 83 -7.93 27.35 -11.73
CA ASP A 83 -7.44 28.58 -12.36
CA ASP A 83 -7.43 28.60 -12.31
C ASP A 83 -5.95 28.52 -12.69
N ASP A 84 -5.28 27.45 -12.26
CA ASP A 84 -3.89 27.20 -12.66
C ASP A 84 -3.78 26.95 -14.17
N VAL A 85 -2.65 27.36 -14.73
CA VAL A 85 -2.30 27.03 -16.11
C VAL A 85 -1.08 26.11 -16.05
N VAL A 86 -1.25 24.88 -16.52
CA VAL A 86 -0.24 23.84 -16.31
C VAL A 86 0.55 23.64 -17.59
N LEU A 87 1.87 23.64 -17.47
CA LEU A 87 2.72 23.20 -18.56
C LEU A 87 3.26 21.81 -18.26
N ASN A 88 2.86 20.83 -19.05
CA ASN A 88 3.31 19.47 -18.85
C ASN A 88 4.40 19.15 -19.88
N LEU A 89 5.51 18.58 -19.41
CA LEU A 89 6.62 18.17 -20.27
C LEU A 89 6.56 16.65 -20.47
N ALA A 90 6.53 16.24 -21.74
CA ALA A 90 6.37 14.81 -22.12
C ALA A 90 7.47 14.32 -23.07
N SER A 91 8.36 13.47 -22.56
CA SER A 91 9.37 12.84 -23.39
C SER A 91 9.20 11.31 -23.35
N GLY A 92 8.04 10.88 -22.88
CA GLY A 92 7.76 9.45 -22.77
C GLY A 92 6.42 9.18 -22.12
N VAL A 93 6.22 7.93 -21.73
CA VAL A 93 4.94 7.42 -21.26
C VAL A 93 4.49 8.08 -19.95
N TYR A 94 5.40 8.21 -18.98
CA TYR A 94 5.00 8.85 -17.71
C TYR A 94 4.78 10.36 -17.81
N GLY A 95 5.65 11.03 -18.57
CA GLY A 95 5.48 12.45 -18.82
C GLY A 95 4.13 12.75 -19.45
N LYS A 96 3.84 12.06 -20.55
CA LYS A 96 2.58 12.23 -21.27
C LYS A 96 1.39 11.90 -20.36
N GLY A 97 1.56 10.80 -19.62
CA GLY A 97 0.53 10.29 -18.69
C GLY A 97 0.15 11.32 -17.65
N PHE A 98 1.12 12.14 -17.20
CA PHE A 98 0.82 13.10 -16.12
C PHE A 98 -0.15 14.19 -16.56
N GLY A 99 -0.09 14.56 -17.82
CA GLY A 99 -0.96 15.59 -18.40
C GLY A 99 -2.42 15.22 -18.26
N TYR A 100 -2.73 13.92 -18.28
CA TYR A 100 -4.11 13.47 -18.08
C TYR A 100 -4.61 13.77 -16.68
N TRP A 101 -3.74 13.62 -15.68
CA TRP A 101 -4.11 14.02 -14.32
C TRP A 101 -4.20 15.53 -14.16
N ALA A 102 -3.27 16.26 -14.77
CA ALA A 102 -3.34 17.73 -14.72
C ALA A 102 -4.69 18.22 -15.26
N LYS A 103 -5.10 17.66 -16.39
CA LYS A 103 -6.32 18.07 -17.09
C LYS A 103 -7.56 17.76 -16.24
N ARG A 104 -7.44 16.76 -15.37
CA ARG A 104 -8.48 16.45 -14.41
C ARG A 104 -8.72 17.60 -13.45
N TYR A 105 -7.67 18.35 -13.13
CA TYR A 105 -7.78 19.37 -12.07
C TYR A 105 -7.74 20.83 -12.55
N SER A 106 -7.37 21.01 -13.82
CA SER A 106 -7.47 22.34 -14.46
C SER A 106 -7.72 22.13 -15.93
N PRO A 107 -8.61 22.95 -16.52
CA PRO A 107 -8.84 22.79 -17.94
C PRO A 107 -7.71 23.43 -18.78
N HIS A 108 -6.83 24.18 -18.12
CA HIS A 108 -5.74 24.92 -18.81
C HIS A 108 -4.47 24.09 -18.88
N LEU A 109 -4.27 23.43 -20.01
CA LEU A 109 -3.12 22.57 -20.16
C LEU A 109 -2.34 22.96 -21.40
N LEU A 110 -1.06 23.27 -21.21
CA LEU A 110 -0.10 23.40 -22.30
C LEU A 110 0.89 22.25 -22.20
N GLU A 111 1.49 21.86 -23.31
CA GLU A 111 2.43 20.74 -23.30
C GLU A 111 3.60 20.93 -24.26
N ILE A 112 4.79 20.51 -23.84
CA ILE A 112 5.88 20.24 -24.77
C ILE A 112 6.09 18.74 -24.85
N GLU A 113 6.00 18.20 -26.05
CA GLU A 113 6.16 16.77 -26.31
C GLU A 113 7.29 16.53 -27.33
N VAL A 114 8.20 15.59 -27.01
CA VAL A 114 9.28 15.20 -27.91
C VAL A 114 9.15 13.69 -28.16
N PRO A 115 9.79 13.20 -29.24
CA PRO A 115 9.79 11.75 -29.46
C PRO A 115 10.27 10.98 -28.23
N TYR A 116 9.81 9.74 -28.13
CA TYR A 116 9.99 8.94 -26.90
C TYR A 116 11.34 8.26 -26.77
N ASN A 117 12.33 8.75 -27.53
CA ASN A 117 13.72 8.42 -27.23
C ASN A 117 14.55 9.69 -27.04
N GLU A 118 13.89 10.84 -26.88
CA GLU A 118 14.58 12.12 -26.77
C GLU A 118 14.37 12.73 -25.39
N ALA A 119 15.09 13.80 -25.08
CA ALA A 119 14.91 14.50 -23.80
C ALA A 119 14.35 15.90 -24.07
N ILE A 120 13.70 16.47 -23.07
CA ILE A 120 13.17 17.83 -23.16
C ILE A 120 14.35 18.80 -23.18
N ASP A 121 14.30 19.76 -24.10
CA ASP A 121 15.35 20.81 -24.18
C ASP A 121 14.96 21.94 -23.20
N PRO A 122 15.86 22.25 -22.23
CA PRO A 122 15.55 23.34 -21.33
C PRO A 122 15.26 24.64 -22.09
N GLN A 123 15.86 24.81 -23.28
CA GLN A 123 15.61 26.03 -24.05
C GLN A 123 14.17 26.06 -24.56
N ALA A 124 13.61 24.90 -24.92
CA ALA A 124 12.19 24.83 -25.31
C ALA A 124 11.27 25.21 -24.14
N VAL A 125 11.65 24.85 -22.92
CA VAL A 125 10.89 25.21 -21.73
C VAL A 125 10.96 26.72 -21.55
N ALA A 126 12.16 27.28 -21.67
CA ALA A 126 12.34 28.73 -21.55
C ALA A 126 11.51 29.48 -22.61
N ASP A 127 11.54 28.98 -23.85
CA ASP A 127 10.74 29.62 -24.93
C ASP A 127 9.25 29.59 -24.63
N MET A 128 8.77 28.47 -24.11
CA MET A 128 7.34 28.28 -23.78
C MET A 128 6.91 29.18 -22.64
N LEU A 129 7.75 29.30 -21.62
CA LEU A 129 7.42 30.15 -20.49
C LEU A 129 7.38 31.62 -20.91
N LYS A 130 8.24 32.01 -21.85
CA LYS A 130 8.25 33.38 -22.37
C LYS A 130 6.95 33.65 -23.15
N ALA A 131 6.58 32.68 -23.98
CA ALA A 131 5.34 32.75 -24.78
C ALA A 131 4.08 32.73 -23.92
N HIS A 132 4.14 32.03 -22.78
CA HIS A 132 2.97 31.87 -21.92
C HIS A 132 3.29 32.22 -20.48
N PRO A 133 3.44 33.54 -20.18
CA PRO A 133 3.78 33.94 -18.82
C PRO A 133 2.68 33.62 -17.79
N GLU A 134 1.50 33.21 -18.28
CA GLU A 134 0.40 32.87 -17.39
C GLU A 134 0.56 31.46 -16.75
N ILE A 135 1.51 30.68 -17.25
CA ILE A 135 1.83 29.35 -16.67
C ILE A 135 2.13 29.47 -15.18
N THR A 136 1.48 28.63 -14.36
CA THR A 136 1.69 28.67 -12.89
C THR A 136 2.25 27.36 -12.31
N VAL A 137 2.09 26.25 -13.05
CA VAL A 137 2.56 24.93 -12.60
C VAL A 137 3.21 24.26 -13.78
N VAL A 138 4.34 23.61 -13.54
CA VAL A 138 5.01 22.86 -14.57
C VAL A 138 5.30 21.45 -14.04
N SER A 139 5.06 20.46 -14.87
CA SER A 139 5.33 19.08 -14.41
C SER A 139 6.32 18.41 -15.34
N VAL A 140 7.17 17.55 -14.78
CA VAL A 140 8.24 16.92 -15.54
C VAL A 140 8.58 15.57 -14.95
N CYS A 141 9.03 14.64 -15.78
CA CYS A 141 9.50 13.34 -15.33
C CYS A 141 11.04 13.30 -15.51
N HIS A 142 11.78 12.98 -14.45
CA HIS A 142 13.27 12.87 -14.51
C HIS A 142 13.75 11.68 -15.35
N HIS A 143 13.37 10.47 -14.95
CA HIS A 143 13.69 9.29 -15.72
C HIS A 143 12.38 8.68 -16.21
N ASP A 144 12.09 8.85 -17.50
CA ASP A 144 10.84 8.29 -18.03
C ASP A 144 11.12 6.85 -18.39
N THR A 145 10.91 5.99 -17.40
CA THR A 145 11.52 4.67 -17.34
C THR A 145 11.30 3.81 -18.61
N PRO A 146 10.07 3.76 -19.15
CA PRO A 146 9.81 2.96 -20.37
C PRO A 146 10.65 3.36 -21.59
N SER A 147 11.34 4.50 -21.50
CA SER A 147 12.29 4.94 -22.52
C SER A 147 13.75 4.84 -22.10
N GLY A 148 14.01 4.70 -20.77
CA GLY A 148 15.39 4.70 -20.25
C GLY A 148 16.17 5.99 -20.54
N THR A 149 15.47 7.12 -20.55
CA THR A 149 16.07 8.42 -20.85
C THR A 149 15.84 9.38 -19.70
N ILE A 150 16.69 10.41 -19.64
CA ILE A 150 16.76 11.35 -18.52
C ILE A 150 16.51 12.77 -19.01
N ASN A 151 15.65 13.51 -18.30
CA ASN A 151 15.47 14.96 -18.55
C ASN A 151 16.36 15.82 -17.64
N PRO A 152 16.84 16.98 -18.16
CA PRO A 152 17.66 17.90 -17.37
C PRO A 152 16.81 18.73 -16.39
N ILE A 153 16.34 18.06 -15.34
CA ILE A 153 15.40 18.67 -14.41
C ILE A 153 15.95 19.83 -13.61
N ASP A 154 17.26 19.84 -13.35
CA ASP A 154 17.84 20.95 -12.59
C ASP A 154 17.83 22.23 -13.45
N ALA A 155 18.21 22.11 -14.72
CA ALA A 155 18.14 23.24 -15.65
C ALA A 155 16.69 23.69 -15.84
N ILE A 156 15.80 22.72 -16.06
CA ILE A 156 14.39 23.03 -16.25
C ILE A 156 13.83 23.70 -14.99
N GLY A 157 14.13 23.13 -13.82
CA GLY A 157 13.65 23.70 -12.53
C GLY A 157 14.10 25.13 -12.23
N ALA A 158 15.31 25.47 -12.66
CA ALA A 158 15.81 26.84 -12.47
C ALA A 158 14.99 27.83 -13.31
N LEU A 159 14.55 27.39 -14.49
CA LEU A 159 13.77 28.27 -15.36
C LEU A 159 12.32 28.35 -14.89
N VAL A 160 11.82 27.26 -14.33
CA VAL A 160 10.50 27.29 -13.72
C VAL A 160 10.44 28.25 -12.54
N SER A 161 11.42 28.16 -11.66
CA SER A 161 11.56 29.10 -10.56
C SER A 161 11.70 30.56 -11.08
N ALA A 162 12.48 30.75 -12.15
CA ALA A 162 12.67 32.12 -12.71
C ALA A 162 11.35 32.72 -13.17
N HIS A 163 10.40 31.86 -13.55
CA HIS A 163 9.09 32.31 -14.00
C HIS A 163 8.05 32.30 -12.88
N GLY A 164 8.49 32.01 -11.67
CA GLY A 164 7.62 32.04 -10.50
C GLY A 164 6.58 30.93 -10.47
N ALA A 165 6.79 29.86 -11.23
CA ALA A 165 5.84 28.76 -11.27
C ALA A 165 6.26 27.65 -10.31
N TYR A 166 5.29 26.79 -9.99
CA TYR A 166 5.52 25.59 -9.17
C TYR A 166 6.01 24.44 -10.03
N LEU A 167 6.89 23.60 -9.47
CA LEU A 167 7.40 22.45 -10.21
C LEU A 167 7.00 21.15 -9.53
N ILE A 168 6.46 20.22 -10.32
CA ILE A 168 6.20 18.85 -9.87
C ILE A 168 7.17 17.93 -10.62
N VAL A 169 7.92 17.13 -9.87
CA VAL A 169 8.92 16.25 -10.46
C VAL A 169 8.59 14.81 -10.09
N ASP A 170 8.57 13.94 -11.08
CA ASP A 170 8.56 12.49 -10.89
C ASP A 170 10.02 12.01 -10.95
N ALA A 171 10.59 11.67 -9.79
CA ALA A 171 11.96 11.09 -9.74
C ALA A 171 11.93 9.67 -9.19
N VAL A 172 10.82 8.98 -9.44
CA VAL A 172 10.60 7.63 -8.91
C VAL A 172 11.72 6.66 -9.27
N SER A 173 12.21 6.75 -10.51
CA SER A 173 13.20 5.79 -11.02
C SER A 173 14.61 6.37 -11.17
N SER A 174 14.87 7.51 -10.53
CA SER A 174 16.17 8.14 -10.57
C SER A 174 16.72 8.40 -9.17
N PHE A 175 15.87 8.80 -8.21
CA PHE A 175 16.36 9.11 -6.88
C PHE A 175 17.05 7.89 -6.26
N GLY A 176 18.21 8.15 -5.66
CA GLY A 176 19.02 7.09 -5.06
C GLY A 176 20.00 6.45 -6.01
N GLY A 177 19.83 6.67 -7.33
CA GLY A 177 20.67 6.03 -8.34
C GLY A 177 21.54 7.01 -9.10
N MET A 178 21.35 8.28 -8.80
CA MET A 178 22.08 9.37 -9.46
C MET A 178 21.91 10.59 -8.61
N LYS A 179 22.75 11.61 -8.85
CA LYS A 179 22.65 12.81 -8.07
C LYS A 179 21.39 13.55 -8.40
N THR A 180 20.44 13.49 -7.49
CA THR A 180 19.18 14.24 -7.66
C THR A 180 18.50 14.37 -6.32
N HIS A 181 17.96 15.55 -6.08
CA HIS A 181 17.34 15.90 -4.80
C HIS A 181 16.33 16.98 -5.07
N PRO A 182 15.27 17.05 -4.23
CA PRO A 182 14.28 18.11 -4.44
C PRO A 182 14.90 19.51 -4.59
N GLU A 183 15.86 19.86 -3.73
CA GLU A 183 16.56 21.17 -3.71
CA GLU A 183 16.36 21.22 -3.83
C GLU A 183 17.28 21.47 -5.02
N ASP A 184 17.86 20.41 -5.60
CA ASP A 184 18.72 20.50 -6.77
C ASP A 184 17.96 21.08 -7.95
N CYS A 185 16.71 20.66 -8.09
CA CYS A 185 15.88 21.11 -9.20
C CYS A 185 14.82 22.14 -8.75
N LYS A 186 14.92 22.67 -7.54
CA LYS A 186 13.92 23.64 -7.01
C LYS A 186 12.48 23.10 -7.17
N ALA A 187 12.30 21.84 -6.76
CA ALA A 187 10.98 21.19 -6.88
C ALA A 187 10.05 21.66 -5.77
N ASP A 188 8.78 21.77 -6.08
CA ASP A 188 7.79 22.09 -5.07
C ASP A 188 7.10 20.81 -4.57
N ILE A 189 6.86 19.89 -5.50
CA ILE A 189 6.56 18.51 -5.16
C ILE A 189 7.52 17.58 -5.91
N TYR A 190 8.22 16.73 -5.15
CA TYR A 190 9.21 15.81 -5.70
C TYR A 190 8.81 14.39 -5.25
N VAL A 191 8.42 13.56 -6.21
CA VAL A 191 7.88 12.25 -5.90
C VAL A 191 8.90 11.17 -6.25
N THR A 192 9.19 10.31 -5.27
CA THR A 192 9.97 9.12 -5.53
C THR A 192 9.38 7.99 -4.68
N GLY A 193 10.07 6.86 -4.66
CA GLY A 193 9.64 5.70 -3.88
C GLY A 193 10.84 4.79 -3.64
N PRO A 194 10.66 3.73 -2.84
CA PRO A 194 11.80 2.90 -2.47
C PRO A 194 12.09 1.68 -3.35
N ASN A 195 11.20 1.35 -4.29
CA ASN A 195 11.38 0.08 -5.03
C ASN A 195 12.02 0.19 -6.41
N LYS A 196 12.81 1.23 -6.62
CA LYS A 196 13.73 1.24 -7.74
C LYS A 196 15.16 1.24 -7.19
N CYS A 197 15.85 2.38 -7.21
CA CYS A 197 17.27 2.41 -6.86
C CYS A 197 17.54 2.11 -5.39
N LEU A 198 16.55 2.36 -4.52
CA LEU A 198 16.78 2.15 -3.07
C LEU A 198 16.64 0.68 -2.62
N GLY A 199 16.05 -0.18 -3.45
CA GLY A 199 16.03 -1.63 -3.15
C GLY A 199 15.15 -2.04 -1.98
N ALA A 200 14.00 -1.37 -1.84
CA ALA A 200 12.97 -1.82 -0.89
C ALA A 200 11.72 -2.25 -1.68
N PRO A 201 10.75 -2.99 -1.06
CA PRO A 201 9.65 -3.50 -1.90
C PRO A 201 8.65 -2.40 -2.28
N PRO A 202 7.74 -2.69 -3.23
CA PRO A 202 6.85 -1.60 -3.62
C PRO A 202 5.80 -1.36 -2.56
N GLY A 203 5.30 -0.14 -2.48
CA GLY A 203 4.14 0.12 -1.66
C GLY A 203 4.15 1.44 -0.96
N LEU A 204 5.27 2.18 -1.02
CA LEU A 204 5.32 3.50 -0.39
C LEU A 204 5.71 4.61 -1.35
N THR A 205 5.38 5.84 -0.97
CA THR A 205 5.76 7.03 -1.72
C THR A 205 6.57 7.90 -0.78
N MET A 206 7.66 8.49 -1.27
CA MET A 206 8.42 9.47 -0.49
C MET A 206 8.33 10.78 -1.26
N MET A 207 7.79 11.81 -0.61
CA MET A 207 7.47 13.04 -1.30
C MET A 207 8.12 14.28 -0.62
N GLY A 208 8.92 15.00 -1.38
CA GLY A 208 9.47 16.29 -0.90
C GLY A 208 8.46 17.36 -1.26
N VAL A 209 8.10 18.18 -0.28
CA VAL A 209 7.10 19.23 -0.45
C VAL A 209 7.71 20.53 0.05
N SER A 210 7.78 21.53 -0.83
CA SER A 210 8.33 22.83 -0.46
C SER A 210 7.36 23.58 0.45
N GLU A 211 7.88 24.52 1.26
CA GLU A 211 7.01 25.31 2.14
C GLU A 211 5.97 26.09 1.35
N ARG A 212 6.37 26.56 0.17
CA ARG A 212 5.45 27.23 -0.75
C ARG A 212 4.32 26.31 -1.24
N ALA A 213 4.67 25.05 -1.55
CA ALA A 213 3.66 24.05 -1.97
C ALA A 213 2.70 23.73 -0.82
N TRP A 214 3.22 23.63 0.40
CA TRP A 214 2.35 23.44 1.56
C TRP A 214 1.32 24.55 1.66
N ALA A 215 1.74 25.79 1.47
CA ALA A 215 0.83 26.94 1.57
C ALA A 215 -0.22 26.89 0.46
N LYS A 216 0.22 26.59 -0.75
CA LYS A 216 -0.71 26.48 -1.88
C LYS A 216 -1.77 25.39 -1.61
N MET A 217 -1.35 24.21 -1.14
CA MET A 217 -2.28 23.07 -0.94
C MET A 217 -3.23 23.35 0.21
N LYS A 218 -2.71 23.87 1.31
CA LYS A 218 -3.56 24.12 2.46
C LYS A 218 -4.66 25.14 2.16
N ALA A 219 -4.38 26.07 1.25
CA ALA A 219 -5.32 27.11 0.83
C ALA A 219 -6.30 26.62 -0.26
N ASN A 220 -6.04 25.43 -0.81
CA ASN A 220 -6.87 24.88 -1.88
C ASN A 220 -7.99 24.05 -1.23
N PRO A 221 -9.24 24.57 -1.28
CA PRO A 221 -10.30 23.82 -0.62
C PRO A 221 -10.67 22.53 -1.41
N LEU A 222 -10.22 22.41 -2.66
CA LEU A 222 -10.39 21.17 -3.43
C LEU A 222 -9.29 20.11 -3.23
N ALA A 223 -8.22 20.46 -2.53
CA ALA A 223 -7.14 19.48 -2.29
C ALA A 223 -7.76 18.35 -1.46
N PRO A 224 -7.54 17.09 -1.87
CA PRO A 224 -8.11 15.95 -1.12
C PRO A 224 -7.85 15.99 0.37
N ARG A 225 -8.92 15.73 1.13
CA ARG A 225 -8.86 15.60 2.57
C ARG A 225 -9.79 14.45 2.97
N ALA A 226 -9.44 13.77 4.05
CA ALA A 226 -10.14 12.52 4.40
C ALA A 226 -10.24 11.61 3.16
N SER A 227 -9.08 11.29 2.62
CA SER A 227 -8.98 10.58 1.34
C SER A 227 -7.61 9.93 1.26
N MET A 228 -7.53 8.78 0.60
CA MET A 228 -6.22 8.21 0.36
CA MET A 228 -6.27 8.14 0.20
C MET A 228 -5.38 9.12 -0.55
N LEU A 229 -6.05 10.02 -1.28
CA LEU A 229 -5.34 11.02 -2.10
C LEU A 229 -4.84 12.27 -1.36
N SER A 230 -5.01 12.31 -0.04
CA SER A 230 -4.67 13.50 0.73
C SER A 230 -3.19 13.54 1.09
N ILE A 231 -2.53 14.63 0.71
CA ILE A 231 -1.19 14.91 1.18
C ILE A 231 -1.31 15.74 2.45
N VAL A 232 -2.23 16.71 2.46
CA VAL A 232 -2.31 17.65 3.62
C VAL A 232 -2.65 16.97 4.95
N ASP A 233 -3.44 15.88 4.89
CA ASP A 233 -3.79 15.16 6.12
C ASP A 233 -2.57 14.55 6.81
N TRP A 234 -1.52 14.28 6.02
CA TRP A 234 -0.28 13.66 6.55
C TRP A 234 0.80 14.66 7.00
N GLU A 235 0.47 15.94 6.97
CA GLU A 235 1.43 17.02 7.28
C GLU A 235 2.23 16.83 8.57
N ASN A 236 1.56 16.39 9.64
CA ASN A 236 2.19 16.28 10.94
C ASN A 236 2.41 14.82 11.41
N ALA A 237 2.04 13.87 10.55
CA ALA A 237 2.08 12.45 10.88
C ALA A 237 3.48 11.88 11.17
N TRP A 238 4.53 12.58 10.73
CA TRP A 238 5.90 12.16 10.96
C TRP A 238 6.20 12.12 12.46
N SER A 239 5.51 12.98 13.22
CA SER A 239 5.80 13.15 14.65
C SER A 239 5.30 12.02 15.54
N ARG A 240 6.16 11.54 16.46
CA ARG A 240 5.82 10.50 17.42
C ARG A 240 4.64 10.87 18.34
N ASP A 241 4.34 12.17 18.43
CA ASP A 241 3.25 12.69 19.27
C ASP A 241 1.94 12.96 18.49
N LYS A 242 1.90 12.56 17.22
CA LYS A 242 0.74 12.84 16.36
C LYS A 242 0.15 11.53 15.83
N PRO A 243 -1.16 11.54 15.49
CA PRO A 243 -1.81 10.33 14.96
C PRO A 243 -1.53 10.11 13.47
N PHE A 244 -1.89 8.93 12.97
CA PHE A 244 -1.85 8.64 11.55
C PHE A 244 -3.25 8.75 11.01
N PRO A 245 -3.45 9.50 9.89
CA PRO A 245 -4.76 9.67 9.24
C PRO A 245 -5.46 8.32 9.02
N PHE A 246 -4.69 7.33 8.55
CA PHE A 246 -5.13 5.95 8.53
C PHE A 246 -3.92 5.09 8.86
N THR A 247 -4.13 3.79 9.02
CA THR A 247 -3.05 2.86 9.41
C THR A 247 -1.87 2.79 8.41
N PRO A 248 -0.66 3.13 8.88
CA PRO A 248 0.48 3.07 7.96
C PRO A 248 0.87 1.62 7.60
N SER A 249 1.56 1.44 6.46
CA SER A 249 1.99 0.12 6.05
C SER A 249 3.22 -0.27 6.86
N VAL A 250 2.96 -0.80 8.05
CA VAL A 250 3.99 -1.04 9.05
C VAL A 250 5.19 -1.82 8.52
N SER A 251 4.93 -2.93 7.83
CA SER A 251 6.03 -3.77 7.38
C SER A 251 6.87 -3.05 6.32
N GLU A 252 6.23 -2.34 5.41
CA GLU A 252 6.94 -1.53 4.42
C GLU A 252 7.82 -0.44 5.07
N ILE A 253 7.33 0.14 6.12
CA ILE A 253 8.11 1.13 6.87
C ILE A 253 9.35 0.46 7.48
N ASN A 254 9.17 -0.77 7.98
CA ASN A 254 10.31 -1.56 8.47
C ASN A 254 11.36 -1.78 7.38
N GLY A 255 10.90 -2.13 6.17
CA GLY A 255 11.84 -2.30 5.05
C GLY A 255 12.52 -1.01 4.64
N LEU A 256 11.75 0.08 4.63
CA LEU A 256 12.29 1.39 4.27
C LEU A 256 13.36 1.89 5.24
N ASP A 257 13.12 1.68 6.53
CA ASP A 257 14.10 1.93 7.59
C ASP A 257 15.46 1.30 7.23
N VAL A 258 15.44 0.02 6.89
CA VAL A 258 16.65 -0.70 6.50
C VAL A 258 17.24 -0.13 5.21
N ALA A 259 16.39 0.11 4.20
CA ALA A 259 16.90 0.62 2.92
C ALA A 259 17.64 1.95 3.07
N LEU A 260 17.07 2.85 3.88
CA LEU A 260 17.68 4.16 4.09
C LEU A 260 19.02 4.03 4.82
N ASP A 261 19.08 3.15 5.81
CA ASP A 261 20.34 2.79 6.49
C ASP A 261 21.40 2.33 5.50
N LEU A 262 21.05 1.40 4.59
CA LEU A 262 22.01 0.92 3.59
C LEU A 262 22.54 2.02 2.69
N TYR A 263 21.63 2.89 2.23
CA TYR A 263 21.98 3.97 1.32
C TYR A 263 22.91 4.94 1.99
N LEU A 264 22.53 5.39 3.19
CA LEU A 264 23.34 6.36 3.95
C LEU A 264 24.67 5.76 4.40
N ASN A 265 24.65 4.49 4.79
CA ASN A 265 25.88 3.82 5.20
C ASN A 265 26.87 3.60 4.06
N GLU A 266 26.37 3.20 2.90
CA GLU A 266 27.27 2.97 1.76
C GLU A 266 27.86 4.28 1.27
N GLY A 267 27.03 5.32 1.28
CA GLY A 267 27.43 6.66 0.83
C GLY A 267 26.71 6.88 -0.49
N PRO A 268 25.79 7.86 -0.54
CA PRO A 268 25.06 8.15 -1.78
C PRO A 268 25.94 8.30 -3.03
N GLU A 269 27.03 9.08 -2.95
CA GLU A 269 27.96 9.23 -4.06
CA GLU A 269 27.97 9.24 -4.07
C GLU A 269 28.47 7.89 -4.59
N ALA A 270 28.84 6.99 -3.68
CA ALA A 270 29.30 5.64 -4.05
C ALA A 270 28.17 4.81 -4.69
N VAL A 271 26.96 4.95 -4.16
CA VAL A 271 25.78 4.31 -4.79
C VAL A 271 25.55 4.82 -6.21
N TRP A 272 25.55 6.14 -6.40
CA TRP A 272 25.34 6.67 -7.75
C TRP A 272 26.41 6.20 -8.75
N ALA A 273 27.66 6.12 -8.27
CA ALA A 273 28.78 5.72 -9.12
C ALA A 273 28.58 4.32 -9.69
N ARG A 274 28.16 3.38 -8.86
CA ARG A 274 28.02 2.01 -9.34
C ARG A 274 26.79 1.84 -10.24
N HIS A 275 25.73 2.63 -10.01
CA HIS A 275 24.58 2.63 -10.95
C HIS A 275 25.13 3.07 -12.32
N ALA A 276 25.74 4.25 -12.35
CA ALA A 276 26.22 4.84 -13.63
C ALA A 276 27.22 3.95 -14.36
N LEU A 277 28.14 3.34 -13.60
CA LEU A 277 29.14 2.42 -14.19
C LEU A 277 28.54 1.15 -14.75
N THR A 278 27.59 0.57 -14.02
CA THR A 278 26.82 -0.56 -14.55
C THR A 278 26.09 -0.20 -15.87
N ALA A 279 25.38 0.93 -15.89
CA ALA A 279 24.69 1.34 -17.11
C ALA A 279 25.68 1.63 -18.25
N LYS A 280 26.78 2.32 -17.91
CA LYS A 280 27.78 2.64 -18.92
C LYS A 280 28.37 1.38 -19.55
N ALA A 281 28.71 0.39 -18.72
CA ALA A 281 29.21 -0.89 -19.24
C ALA A 281 28.17 -1.61 -20.12
N MET A 282 26.90 -1.59 -19.66
CA MET A 282 25.81 -2.18 -20.43
C MET A 282 25.73 -1.51 -21.80
N ARG A 283 25.66 -0.18 -21.85
CA ARG A 283 25.58 0.54 -23.14
C ARG A 283 26.77 0.22 -24.09
N ALA A 284 27.98 0.21 -23.54
CA ALA A 284 29.18 -0.16 -24.30
C ALA A 284 29.04 -1.55 -24.91
N GLY A 285 28.55 -2.50 -24.10
CA GLY A 285 28.36 -3.87 -24.56
C GLY A 285 27.31 -4.01 -25.66
N VAL A 286 26.16 -3.34 -25.45
CA VAL A 286 25.03 -3.36 -26.38
C VAL A 286 25.52 -2.90 -27.74
N THR A 287 26.23 -1.78 -27.75
CA THR A 287 26.69 -1.18 -29.00
C THR A 287 27.75 -2.05 -29.68
N ALA A 288 28.72 -2.54 -28.91
CA ALA A 288 29.77 -3.37 -29.44
C ALA A 288 29.29 -4.68 -30.05
N MET A 289 28.25 -5.30 -29.47
CA MET A 289 27.74 -6.55 -30.05
C MET A 289 26.89 -6.35 -31.31
N GLY A 290 26.51 -5.10 -31.58
CA GLY A 290 25.76 -4.80 -32.81
C GLY A 290 24.31 -4.40 -32.57
N LEU A 291 23.95 -4.10 -31.31
CA LEU A 291 22.61 -3.58 -31.00
C LEU A 291 22.67 -2.07 -30.81
N SER A 292 21.49 -1.44 -30.76
CA SER A 292 21.39 0.00 -30.55
C SER A 292 20.69 0.31 -29.24
N VAL A 293 21.30 1.18 -28.46
CA VAL A 293 20.62 1.82 -27.33
C VAL A 293 19.48 2.68 -27.87
N TRP A 294 18.33 2.62 -27.19
CA TRP A 294 17.13 3.37 -27.60
C TRP A 294 17.36 4.88 -27.59
N ALA A 295 17.91 5.40 -26.50
CA ALA A 295 18.12 6.85 -26.32
C ALA A 295 18.73 7.49 -27.56
N ALA A 296 18.25 8.69 -27.91
CA ALA A 296 18.70 9.39 -29.13
C ALA A 296 20.19 9.74 -29.07
N SER A 297 20.69 9.95 -27.85
CA SER A 297 22.11 10.19 -27.63
C SER A 297 22.51 9.53 -26.32
N ASP A 298 23.79 9.18 -26.21
CA ASP A 298 24.32 8.57 -25.01
C ASP A 298 24.20 9.51 -23.82
N SER A 299 24.23 10.82 -24.06
CA SER A 299 24.24 11.79 -22.96
C SER A 299 22.93 11.79 -22.18
N ILE A 300 21.85 11.35 -22.81
CA ILE A 300 20.55 11.32 -22.13
C ILE A 300 20.14 9.92 -21.63
N ALA A 301 21.00 8.92 -21.79
CA ALA A 301 20.68 7.55 -21.36
C ALA A 301 20.72 7.48 -19.86
N SER A 302 19.78 6.76 -19.27
CA SER A 302 19.69 6.66 -17.82
C SER A 302 20.83 5.82 -17.22
N PRO A 303 21.40 6.28 -16.09
CA PRO A 303 22.35 5.44 -15.37
C PRO A 303 21.64 4.34 -14.54
N THR A 304 20.31 4.28 -14.59
CA THR A 304 19.55 3.28 -13.83
C THR A 304 18.75 2.29 -14.69
N THR A 305 18.76 2.45 -16.01
CA THR A 305 18.05 1.53 -16.90
C THR A 305 18.63 1.71 -18.29
N THR A 306 18.93 0.60 -18.96
CA THR A 306 19.30 0.67 -20.37
C THR A 306 18.17 0.11 -21.20
N ALA A 307 17.68 0.92 -22.15
CA ALA A 307 16.69 0.43 -23.09
C ALA A 307 17.38 0.10 -24.40
N VAL A 308 17.11 -1.09 -24.92
CA VAL A 308 17.73 -1.58 -26.16
C VAL A 308 16.65 -1.72 -27.22
N ARG A 309 16.87 -1.05 -28.35
CA ARG A 309 15.91 -1.08 -29.47
C ARG A 309 15.77 -2.49 -30.05
N THR A 310 14.54 -2.95 -30.25
CA THR A 310 14.32 -4.24 -30.87
C THR A 310 14.60 -4.15 -32.38
N PRO A 311 15.53 -4.99 -32.89
CA PRO A 311 15.77 -5.03 -34.34
C PRO A 311 14.51 -5.39 -35.14
N ASP A 312 14.44 -4.95 -36.40
CA ASP A 312 13.33 -5.29 -37.29
CA ASP A 312 13.29 -5.29 -37.24
C ASP A 312 13.19 -6.80 -37.38
N GLY A 313 11.96 -7.29 -37.31
CA GLY A 313 11.74 -8.73 -37.44
C GLY A 313 12.02 -9.57 -36.20
N VAL A 314 12.32 -8.93 -35.06
CA VAL A 314 12.48 -9.64 -33.80
C VAL A 314 11.24 -9.40 -32.98
N ASP A 315 10.64 -10.50 -32.50
CA ASP A 315 9.49 -10.44 -31.61
C ASP A 315 10.05 -10.18 -30.21
N GLU A 316 9.76 -8.98 -29.69
CA GLU A 316 10.36 -8.57 -28.41
C GLU A 316 9.87 -9.40 -27.23
N LYS A 317 8.59 -9.75 -27.24
CA LYS A 317 8.02 -10.60 -26.21
C LYS A 317 8.66 -11.98 -26.21
N ALA A 318 8.77 -12.59 -27.41
CA ALA A 318 9.45 -13.86 -27.54
C ALA A 318 10.91 -13.76 -27.08
N LEU A 319 11.55 -12.62 -27.35
CA LEU A 319 12.93 -12.42 -26.94
C LEU A 319 13.04 -12.50 -25.41
N ARG A 320 12.19 -11.76 -24.69
CA ARG A 320 12.22 -11.82 -23.20
C ARG A 320 11.90 -13.21 -22.67
N GLN A 321 10.96 -13.87 -23.32
CA GLN A 321 10.60 -15.24 -22.97
C GLN A 321 11.78 -16.17 -23.17
N ALA A 322 12.50 -15.98 -24.28
CA ALA A 322 13.71 -16.79 -24.53
C ALA A 322 14.82 -16.53 -23.52
N ALA A 323 15.07 -15.27 -23.16
CA ALA A 323 16.14 -14.95 -22.19
C ALA A 323 15.87 -15.65 -20.85
N ARG A 324 14.60 -15.67 -20.44
CA ARG A 324 14.24 -16.32 -19.16
C ARG A 324 14.31 -17.82 -19.28
N ALA A 325 13.71 -18.39 -20.33
CA ALA A 325 13.65 -19.85 -20.49
C ALA A 325 15.02 -20.48 -20.71
N ARG A 326 15.89 -19.79 -21.45
CA ARG A 326 17.22 -20.29 -21.73
C ARG A 326 18.26 -20.04 -20.62
N TYR A 327 18.24 -18.85 -20.04
CA TYR A 327 19.32 -18.40 -19.15
C TYR A 327 18.84 -18.01 -17.76
N GLY A 328 17.53 -18.02 -17.54
CA GLY A 328 16.98 -17.68 -16.23
C GLY A 328 17.08 -16.21 -15.87
N VAL A 329 17.23 -15.35 -16.90
CA VAL A 329 17.44 -13.92 -16.69
C VAL A 329 16.21 -13.15 -17.18
N VAL A 330 15.66 -12.30 -16.31
CA VAL A 330 14.41 -11.59 -16.59
C VAL A 330 14.68 -10.12 -16.89
N PHE A 331 14.17 -9.67 -18.03
CA PHE A 331 14.22 -8.27 -18.43
C PHE A 331 12.82 -7.65 -18.41
N SER A 332 12.76 -6.32 -18.41
CA SER A 332 11.50 -5.60 -18.53
C SER A 332 11.10 -5.39 -19.99
N SER A 333 9.80 -5.41 -20.23
CA SER A 333 9.23 -4.97 -21.49
C SER A 333 9.24 -3.45 -21.48
N GLY A 334 8.89 -2.85 -22.62
CA GLY A 334 8.52 -1.43 -22.64
C GLY A 334 7.16 -1.25 -22.00
N ARG A 335 6.57 -0.07 -22.18
CA ARG A 335 5.25 0.26 -21.62
C ARG A 335 4.59 1.24 -22.59
N GLY A 336 3.28 1.07 -22.79
CA GLY A 336 2.55 1.96 -23.70
C GLY A 336 3.19 1.95 -25.07
N GLU A 337 3.51 3.14 -25.56
CA GLU A 337 4.13 3.37 -26.87
C GLU A 337 5.42 2.59 -27.10
N THR A 338 6.22 2.36 -26.06
CA THR A 338 7.49 1.60 -26.24
C THR A 338 7.33 0.07 -26.11
N LEU A 339 6.14 -0.38 -25.70
CA LEU A 339 5.90 -1.82 -25.61
C LEU A 339 6.05 -2.46 -26.98
N GLY A 340 6.89 -3.48 -27.05
CA GLY A 340 7.17 -4.16 -28.29
C GLY A 340 8.31 -3.56 -29.09
N LYS A 341 8.79 -2.38 -28.68
CA LYS A 341 9.78 -1.64 -29.48
C LYS A 341 11.19 -1.69 -28.89
N LEU A 342 11.27 -2.02 -27.59
CA LEU A 342 12.54 -2.04 -26.88
C LEU A 342 12.48 -3.01 -25.72
N THR A 343 13.65 -3.36 -25.18
CA THR A 343 13.77 -4.22 -23.99
C THR A 343 14.49 -3.38 -22.96
N ARG A 344 14.06 -3.47 -21.70
CA ARG A 344 14.75 -2.72 -20.63
C ARG A 344 15.52 -3.63 -19.70
N ILE A 345 16.75 -3.22 -19.41
CA ILE A 345 17.55 -3.84 -18.35
C ILE A 345 17.71 -2.82 -17.24
N GLY A 346 17.16 -3.12 -16.06
CA GLY A 346 17.31 -2.24 -14.94
C GLY A 346 18.69 -2.42 -14.30
N HIS A 347 19.24 -1.30 -13.83
CA HIS A 347 20.45 -1.25 -13.01
C HIS A 347 20.05 -0.46 -11.76
N MET A 348 19.54 -1.16 -10.76
CA MET A 348 18.82 -0.51 -9.66
C MET A 348 19.05 -1.25 -8.34
N GLY A 349 19.51 -0.50 -7.34
CA GLY A 349 19.78 -1.05 -6.01
C GLY A 349 20.70 -2.24 -6.15
N PRO A 350 20.23 -3.43 -5.73
CA PRO A 350 21.06 -4.64 -5.77
C PRO A 350 21.62 -5.02 -7.16
N THR A 351 20.92 -4.64 -8.23
CA THR A 351 21.37 -4.96 -9.58
C THR A 351 22.25 -3.86 -10.18
N ALA A 352 22.53 -2.81 -9.41
CA ALA A 352 23.45 -1.76 -9.88
C ALA A 352 24.87 -2.18 -9.52
N GLN A 353 25.30 -3.31 -10.11
CA GLN A 353 26.66 -3.85 -9.94
C GLN A 353 27.13 -4.29 -11.31
N PRO A 354 28.32 -3.84 -11.75
CA PRO A 354 28.72 -4.09 -13.15
C PRO A 354 28.67 -5.55 -13.61
N ILE A 355 28.91 -6.49 -12.69
CA ILE A 355 28.85 -7.90 -13.08
C ILE A 355 27.45 -8.28 -13.61
N TYR A 356 26.41 -7.61 -13.14
CA TYR A 356 25.06 -7.91 -13.66
C TYR A 356 24.90 -7.42 -15.09
N ALA A 357 25.62 -6.37 -15.47
CA ALA A 357 25.59 -5.95 -16.88
C ALA A 357 26.14 -7.07 -17.77
N ILE A 358 27.18 -7.76 -17.29
CA ILE A 358 27.76 -8.90 -18.01
C ILE A 358 26.74 -10.04 -18.19
N ALA A 359 26.04 -10.39 -17.11
CA ALA A 359 25.01 -11.42 -17.18
C ALA A 359 23.92 -11.01 -18.19
N ALA A 360 23.50 -9.74 -18.09
CA ALA A 360 22.47 -9.17 -18.96
C ALA A 360 22.87 -9.25 -20.43
N LEU A 361 24.08 -8.78 -20.73
CA LEU A 361 24.56 -8.77 -22.12
C LEU A 361 24.56 -10.17 -22.71
N THR A 362 24.98 -11.15 -21.90
CA THR A 362 25.07 -12.54 -22.37
C THR A 362 23.68 -13.12 -22.67
N ALA A 363 22.74 -12.92 -21.73
CA ALA A 363 21.37 -13.40 -21.89
C ALA A 363 20.66 -12.73 -23.06
N LEU A 364 20.82 -11.41 -23.18
CA LEU A 364 20.26 -10.61 -24.28
C LEU A 364 20.84 -11.00 -25.65
N GLY A 365 22.18 -11.06 -25.73
CA GLY A 365 22.85 -11.56 -26.95
C GLY A 365 22.42 -12.98 -27.32
N GLY A 366 22.37 -13.87 -26.33
CA GLY A 366 21.99 -15.24 -26.56
C GLY A 366 20.58 -15.38 -27.11
N ALA A 367 19.66 -14.60 -26.56
CA ALA A 367 18.26 -14.65 -26.98
C ALA A 367 18.10 -14.03 -28.37
N MET A 368 18.81 -12.92 -28.61
CA MET A 368 18.82 -12.28 -29.93
C MET A 368 19.32 -13.25 -31.00
N ASN A 369 20.40 -13.98 -30.70
CA ASN A 369 20.98 -14.89 -31.67
CA ASN A 369 21.01 -14.95 -31.62
C ASN A 369 20.08 -16.11 -31.91
N ALA A 370 19.34 -16.51 -30.89
CA ALA A 370 18.34 -17.56 -31.02
C ALA A 370 17.15 -17.10 -31.88
N ALA A 371 16.92 -15.80 -31.96
CA ALA A 371 15.91 -15.22 -32.83
C ALA A 371 16.45 -14.94 -34.26
N GLY A 372 17.68 -15.37 -34.53
CA GLY A 372 18.26 -15.28 -35.86
C GLY A 372 19.20 -14.12 -36.10
N ARG A 373 19.51 -13.32 -35.07
CA ARG A 373 20.48 -12.24 -35.22
CA ARG A 373 20.48 -12.24 -35.21
C ARG A 373 21.88 -12.85 -35.19
N LYS A 374 22.87 -12.08 -35.61
CA LYS A 374 24.25 -12.55 -35.61
C LYS A 374 25.14 -11.53 -34.90
N LEU A 375 24.93 -11.45 -33.59
CA LEU A 375 25.62 -10.46 -32.76
C LEU A 375 27.01 -10.94 -32.36
N ALA A 376 27.92 -10.00 -32.17
CA ALA A 376 29.27 -10.28 -31.65
C ALA A 376 29.25 -10.25 -30.12
N ILE A 377 28.79 -11.35 -29.52
CA ILE A 377 28.50 -11.34 -28.08
C ILE A 377 29.77 -11.17 -27.27
N GLY A 378 30.82 -11.89 -27.67
CA GLY A 378 32.15 -11.77 -27.08
C GLY A 378 32.72 -10.36 -27.13
N LYS A 379 32.58 -9.70 -28.29
CA LYS A 379 32.96 -8.30 -28.41
C LYS A 379 32.18 -7.41 -27.45
N GLY A 380 30.89 -7.69 -27.32
CA GLY A 380 30.01 -7.03 -26.34
C GLY A 380 30.55 -7.17 -24.92
N ILE A 381 30.86 -8.40 -24.49
CA ILE A 381 31.38 -8.61 -23.13
C ILE A 381 32.72 -7.86 -22.95
N GLU A 382 33.62 -7.95 -23.91
CA GLU A 382 34.91 -7.26 -23.78
C GLU A 382 34.77 -5.72 -23.71
N ALA A 383 33.82 -5.17 -24.44
CA ALA A 383 33.62 -3.73 -24.39
C ALA A 383 33.10 -3.30 -23.01
N ALA A 384 32.21 -4.11 -22.44
CA ALA A 384 31.61 -3.82 -21.13
C ALA A 384 32.68 -3.96 -20.06
N LEU A 385 33.48 -5.02 -20.18
CA LEU A 385 34.63 -5.24 -19.27
C LEU A 385 35.67 -4.11 -19.35
N ALA A 386 35.99 -3.64 -20.56
CA ALA A 386 36.90 -2.48 -20.70
C ALA A 386 36.42 -1.24 -19.95
N VAL A 387 35.11 -0.99 -20.00
CA VAL A 387 34.50 0.13 -19.28
C VAL A 387 34.72 -0.04 -17.77
N ILE A 388 34.44 -1.23 -17.26
CA ILE A 388 34.63 -1.54 -15.85
C ILE A 388 36.10 -1.32 -15.48
N ASP A 389 36.99 -1.95 -16.24
CA ASP A 389 38.45 -1.86 -15.97
C ASP A 389 39.02 -0.43 -16.04
N ALA A 390 38.45 0.41 -16.91
CA ALA A 390 38.91 1.81 -17.05
C ALA A 390 38.57 2.65 -15.82
N ASP A 391 37.59 2.21 -15.04
CA ASP A 391 37.16 2.92 -13.84
C ASP A 391 37.87 2.41 -12.59
N ALA A 392 38.62 1.31 -12.73
CA ALA A 392 39.17 0.61 -11.58
C ALA A 392 40.31 1.42 -10.95
N MET B 1 10.77 -3.55 37.81
CA MET B 1 11.29 -3.36 36.41
C MET B 1 10.29 -2.57 35.62
N ARG B 2 10.76 -1.94 34.54
CA ARG B 2 9.91 -1.13 33.69
CA ARG B 2 9.96 -1.06 33.71
C ARG B 2 10.38 -1.23 32.24
N TYR B 3 9.41 -1.39 31.33
CA TYR B 3 9.70 -1.50 29.92
C TYR B 3 9.82 -0.10 29.31
N PRO B 4 11.01 0.23 28.76
CA PRO B 4 11.12 1.55 28.13
C PRO B 4 10.20 1.72 26.93
N GLU B 5 9.70 2.93 26.74
CA GLU B 5 8.84 3.24 25.59
C GLU B 5 9.51 3.01 24.24
N HIS B 6 10.82 3.20 24.18
CA HIS B 6 11.59 3.08 22.93
C HIS B 6 11.87 1.61 22.57
N ALA B 7 11.92 0.73 23.56
CA ALA B 7 12.22 -0.68 23.36
C ALA B 7 10.95 -1.43 22.94
N ASP B 8 11.11 -2.53 22.23
CA ASP B 8 9.96 -3.33 21.78
C ASP B 8 9.20 -3.91 22.97
N PRO B 9 7.87 -4.13 22.83
CA PRO B 9 7.12 -4.71 23.96
C PRO B 9 7.27 -6.23 23.97
N VAL B 10 6.59 -6.89 24.92
CA VAL B 10 6.66 -8.35 25.03
C VAL B 10 5.55 -9.04 24.27
N ILE B 11 4.32 -8.56 24.45
CA ILE B 11 3.16 -9.11 23.77
C ILE B 11 2.27 -7.97 23.32
N THR B 12 1.94 -7.99 22.03
CA THR B 12 1.04 -7.02 21.43
C THR B 12 -0.35 -7.65 21.28
N LEU B 13 -1.30 -7.14 22.04
CA LEU B 13 -2.65 -7.63 22.02
C LEU B 13 -3.68 -6.58 21.51
N THR B 14 -3.35 -5.98 20.39
CA THR B 14 -4.10 -4.85 19.90
C THR B 14 -5.18 -5.30 18.90
N ALA B 15 -6.02 -4.37 18.45
CA ALA B 15 -7.17 -4.71 17.64
C ALA B 15 -7.05 -4.19 16.21
N GLY B 16 -5.82 -3.89 15.79
CA GLY B 16 -5.58 -3.32 14.46
C GLY B 16 -4.70 -2.08 14.49
N PRO B 17 -3.48 -2.17 13.93
CA PRO B 17 -2.86 -3.39 13.45
C PRO B 17 -2.61 -4.42 14.55
N VAL B 18 -2.25 -5.62 14.10
CA VAL B 18 -1.88 -6.75 14.96
C VAL B 18 -0.66 -7.44 14.37
N ASN B 19 0.05 -8.24 15.18
CA ASN B 19 1.17 -9.03 14.64
CA ASN B 19 1.13 -9.09 14.70
C ASN B 19 0.66 -10.04 13.61
N ALA B 20 1.49 -10.27 12.60
CA ALA B 20 1.27 -11.27 11.58
C ALA B 20 1.81 -12.61 12.08
N TYR B 21 1.36 -13.71 11.49
CA TYR B 21 1.91 -15.02 11.87
C TYR B 21 3.39 -15.06 11.50
N PRO B 22 4.19 -15.81 12.28
CA PRO B 22 5.62 -15.95 11.97
C PRO B 22 5.88 -16.40 10.53
N GLU B 23 5.12 -17.40 10.04
CA GLU B 23 5.26 -17.91 8.66
CA GLU B 23 5.30 -17.89 8.67
C GLU B 23 5.02 -16.81 7.62
N VAL B 24 4.06 -15.94 7.91
CA VAL B 24 3.71 -14.85 7.02
C VAL B 24 4.86 -13.84 6.95
N LEU B 25 5.41 -13.51 8.11
CA LEU B 25 6.55 -12.59 8.19
C LEU B 25 7.74 -13.13 7.39
N ARG B 26 7.90 -14.45 7.39
CA ARG B 26 8.95 -15.10 6.60
CA ARG B 26 8.97 -15.05 6.60
C ARG B 26 8.64 -15.02 5.12
N GLY B 27 7.37 -15.23 4.78
CA GLY B 27 6.89 -15.10 3.40
C GLY B 27 7.10 -13.69 2.84
N LEU B 28 6.99 -12.68 3.69
CA LEU B 28 7.28 -11.29 3.31
C LEU B 28 8.69 -11.11 2.73
N GLY B 29 9.60 -11.97 3.16
CA GLY B 29 11.01 -11.95 2.76
C GLY B 29 11.34 -12.70 1.49
N ARG B 30 10.34 -13.23 0.81
CA ARG B 30 10.57 -13.83 -0.51
C ARG B 30 11.18 -12.80 -1.45
N THR B 31 12.00 -13.25 -2.40
CA THR B 31 12.55 -12.39 -3.46
CA THR B 31 12.55 -12.33 -3.39
C THR B 31 11.39 -11.64 -4.12
N VAL B 32 11.57 -10.35 -4.37
CA VAL B 32 10.58 -9.54 -5.08
C VAL B 32 10.74 -9.77 -6.57
N LEU B 33 9.76 -10.44 -7.17
CA LEU B 33 9.77 -10.68 -8.60
C LEU B 33 9.25 -9.47 -9.36
N TYR B 34 9.72 -9.32 -10.60
CA TYR B 34 9.06 -8.45 -11.58
C TYR B 34 7.59 -8.86 -11.65
N ASP B 35 6.68 -7.89 -11.70
CA ASP B 35 5.24 -8.25 -11.68
C ASP B 35 4.75 -8.90 -12.96
N TYR B 36 5.49 -8.71 -14.05
CA TYR B 36 5.18 -9.40 -15.30
C TYR B 36 5.97 -10.68 -15.53
N ASP B 37 6.81 -11.03 -14.57
CA ASP B 37 7.42 -12.36 -14.56
C ASP B 37 6.28 -13.40 -14.50
N PRO B 38 6.35 -14.45 -15.35
CA PRO B 38 5.25 -15.41 -15.40
C PRO B 38 4.99 -16.10 -14.07
N ALA B 39 6.02 -16.25 -13.24
CA ALA B 39 5.87 -16.88 -11.94
C ALA B 39 5.10 -15.96 -10.97
N PHE B 40 5.31 -14.65 -11.07
CA PHE B 40 4.54 -13.74 -10.25
C PHE B 40 3.10 -13.64 -10.74
N GLN B 41 2.94 -13.61 -12.06
CA GLN B 41 1.59 -13.50 -12.65
C GLN B 41 0.74 -14.70 -12.22
N LEU B 42 1.36 -15.88 -12.20
CA LEU B 42 0.69 -17.08 -11.74
C LEU B 42 0.41 -17.00 -10.23
N LEU B 43 1.40 -16.60 -9.44
CA LEU B 43 1.21 -16.43 -7.99
C LEU B 43 0.05 -15.49 -7.69
N TYR B 44 0.00 -14.36 -8.38
CA TYR B 44 -1.06 -13.38 -8.13
C TYR B 44 -2.44 -13.98 -8.38
N GLU B 45 -2.59 -14.67 -9.51
CA GLU B 45 -3.83 -15.37 -9.84
C GLU B 45 -4.24 -16.42 -8.79
N LYS B 46 -3.27 -17.18 -8.29
N LYS B 46 -3.26 -17.18 -8.31
CA LYS B 46 -3.55 -18.21 -7.29
CA LYS B 46 -3.46 -18.19 -7.28
C LYS B 46 -3.85 -17.63 -5.92
C LYS B 46 -3.94 -17.56 -6.00
N VAL B 47 -3.29 -16.46 -5.61
CA VAL B 47 -3.68 -15.69 -4.41
C VAL B 47 -5.14 -15.23 -4.51
N VAL B 48 -5.53 -14.69 -5.67
CA VAL B 48 -6.91 -14.29 -5.85
C VAL B 48 -7.82 -15.52 -5.71
N ASP B 49 -7.38 -16.66 -6.25
CA ASP B 49 -8.16 -17.89 -6.20
CA ASP B 49 -8.17 -17.89 -6.20
C ASP B 49 -8.32 -18.38 -4.76
N LYS B 50 -7.25 -18.28 -3.98
CA LYS B 50 -7.30 -18.64 -2.54
C LYS B 50 -8.21 -17.69 -1.76
N ALA B 51 -8.17 -16.40 -2.09
CA ALA B 51 -9.08 -15.43 -1.45
C ALA B 51 -10.53 -15.77 -1.84
N GLN B 52 -10.73 -16.14 -3.10
CA GLN B 52 -12.06 -16.54 -3.58
C GLN B 52 -12.61 -17.70 -2.77
N LYS B 53 -11.77 -18.74 -2.59
CA LYS B 53 -12.16 -19.91 -1.81
C LYS B 53 -12.45 -19.51 -0.34
N ALA B 54 -11.51 -18.77 0.25
CA ALA B 54 -11.68 -18.25 1.63
C ALA B 54 -12.99 -17.48 1.82
N MET B 55 -13.37 -16.67 0.83
CA MET B 55 -14.55 -15.81 0.94
C MET B 55 -15.80 -16.50 0.37
N ARG B 56 -15.65 -17.77 -0.07
CA ARG B 56 -16.75 -18.57 -0.61
CA ARG B 56 -16.74 -18.57 -0.63
C ARG B 56 -17.48 -17.80 -1.73
N LEU B 57 -16.69 -17.08 -2.54
CA LEU B 57 -17.21 -16.24 -3.60
C LEU B 57 -17.48 -16.98 -4.91
N SER B 58 -18.59 -16.63 -5.56
CA SER B 58 -18.89 -17.18 -6.89
C SER B 58 -18.10 -16.50 -8.00
N ASN B 59 -17.60 -15.29 -7.73
CA ASN B 59 -16.74 -14.58 -8.70
C ASN B 59 -15.42 -14.14 -8.04
N LYS B 60 -14.51 -13.52 -8.79
CA LYS B 60 -13.21 -13.18 -8.22
C LYS B 60 -13.33 -12.00 -7.25
N PRO B 61 -12.70 -12.13 -6.06
CA PRO B 61 -12.59 -10.89 -5.27
C PRO B 61 -11.49 -9.99 -5.88
N VAL B 62 -11.58 -8.69 -5.62
CA VAL B 62 -10.58 -7.74 -6.09
C VAL B 62 -9.59 -7.43 -4.97
N ILE B 63 -8.29 -7.51 -5.28
CA ILE B 63 -7.30 -7.05 -4.31
C ILE B 63 -6.94 -5.63 -4.73
N LEU B 64 -7.05 -4.68 -3.79
CA LEU B 64 -6.58 -3.32 -4.03
C LEU B 64 -5.34 -3.07 -3.19
N HIS B 65 -4.48 -2.19 -3.69
CA HIS B 65 -3.13 -2.07 -3.15
C HIS B 65 -2.99 -0.86 -2.26
N GLY B 66 -3.86 -0.86 -1.26
CA GLY B 66 -3.75 0.01 -0.11
C GLY B 66 -4.59 -0.62 0.98
N GLU B 67 -4.43 -0.14 2.20
CA GLU B 67 -5.13 -0.73 3.35
C GLU B 67 -6.63 -0.40 3.28
N PRO B 68 -7.47 -1.14 4.03
CA PRO B 68 -8.90 -1.08 3.76
C PRO B 68 -9.66 0.25 3.72
N VAL B 69 -9.18 1.34 4.33
CA VAL B 69 -9.85 2.63 4.06
C VAL B 69 -9.88 2.97 2.58
N LEU B 70 -8.92 2.44 1.81
CA LEU B 70 -8.94 2.59 0.36
C LEU B 70 -10.19 1.91 -0.22
N GLY B 71 -10.43 0.66 0.18
CA GLY B 71 -11.60 -0.08 -0.30
C GLY B 71 -12.89 0.64 0.03
N LEU B 72 -12.93 1.20 1.24
CA LEU B 72 -14.12 1.88 1.72
C LEU B 72 -14.38 3.17 0.94
N GLU B 73 -13.37 4.03 0.82
CA GLU B 73 -13.51 5.24 0.02
C GLU B 73 -13.79 4.92 -1.46
N ALA B 74 -13.04 3.98 -2.02
CA ALA B 74 -13.26 3.57 -3.42
C ALA B 74 -14.69 3.06 -3.64
N ALA B 75 -15.24 2.31 -2.68
CA ALA B 75 -16.61 1.78 -2.81
C ALA B 75 -17.63 2.90 -2.87
N ALA B 76 -17.51 3.85 -1.95
CA ALA B 76 -18.37 5.03 -1.95
C ALA B 76 -18.23 5.78 -3.26
N ALA B 77 -16.97 6.08 -3.64
CA ALA B 77 -16.71 6.88 -4.86
C ALA B 77 -17.26 6.26 -6.15
N SER B 78 -17.28 4.93 -6.19
CA SER B 78 -17.59 4.19 -7.42
C SER B 78 -19.07 3.74 -7.49
N LEU B 79 -19.58 3.26 -6.35
CA LEU B 79 -20.96 2.75 -6.28
C LEU B 79 -21.99 3.85 -6.00
N ILE B 80 -21.62 4.89 -5.24
CA ILE B 80 -22.64 5.89 -4.88
C ILE B 80 -22.55 7.11 -5.80
N SER B 81 -23.67 7.46 -6.44
CA SER B 81 -23.69 8.64 -7.28
C SER B 81 -24.88 9.50 -6.85
N PRO B 82 -24.94 10.77 -7.31
CA PRO B 82 -25.94 11.69 -6.72
C PRO B 82 -27.41 11.33 -6.88
N ASP B 83 -27.73 10.42 -7.81
CA ASP B 83 -29.07 9.87 -7.98
C ASP B 83 -29.44 8.91 -6.83
N ASP B 84 -28.43 8.31 -6.18
CA ASP B 84 -28.67 7.37 -5.09
C ASP B 84 -29.15 8.05 -3.82
N VAL B 85 -29.98 7.34 -3.08
CA VAL B 85 -30.34 7.73 -1.74
C VAL B 85 -29.74 6.67 -0.83
N VAL B 86 -28.86 7.09 0.05
CA VAL B 86 -28.07 6.16 0.83
C VAL B 86 -28.64 6.07 2.23
N LEU B 87 -28.87 4.83 2.68
CA LEU B 87 -29.12 4.61 4.10
C LEU B 87 -27.84 4.11 4.75
N ASN B 88 -27.26 4.92 5.62
CA ASN B 88 -26.08 4.53 6.36
C ASN B 88 -26.46 4.03 7.76
N LEU B 89 -25.92 2.88 8.16
CA LEU B 89 -26.18 2.33 9.49
C LEU B 89 -24.96 2.54 10.35
N ALA B 90 -25.15 3.22 11.49
CA ALA B 90 -24.03 3.63 12.34
C ALA B 90 -24.24 3.17 13.76
N SER B 91 -23.41 2.25 14.23
CA SER B 91 -23.42 1.84 15.62
C SER B 91 -22.03 2.04 16.24
N GLY B 92 -21.21 2.85 15.58
CA GLY B 92 -19.84 3.00 16.03
C GLY B 92 -19.07 3.89 15.07
N VAL B 93 -17.75 3.98 15.29
CA VAL B 93 -16.86 4.91 14.59
C VAL B 93 -16.84 4.64 13.08
N TYR B 94 -16.65 3.38 12.67
CA TYR B 94 -16.57 3.12 11.21
C TYR B 94 -17.92 3.25 10.52
N GLY B 95 -18.97 2.72 11.14
CA GLY B 95 -20.33 2.91 10.60
C GLY B 95 -20.66 4.38 10.34
N LYS B 96 -20.50 5.20 11.38
CA LYS B 96 -20.74 6.64 11.28
C LYS B 96 -19.84 7.24 10.21
N GLY B 97 -18.56 6.88 10.28
CA GLY B 97 -17.55 7.42 9.34
C GLY B 97 -17.90 7.19 7.88
N PHE B 98 -18.51 6.05 7.58
CA PHE B 98 -18.84 5.77 6.18
C PHE B 98 -19.83 6.79 5.63
N GLY B 99 -20.76 7.26 6.48
CA GLY B 99 -21.73 8.27 6.08
C GLY B 99 -21.08 9.52 5.51
N TYR B 100 -19.90 9.88 6.02
CA TYR B 100 -19.17 11.05 5.52
C TYR B 100 -18.73 10.85 4.06
N TRP B 101 -18.17 9.68 3.75
CA TRP B 101 -17.91 9.36 2.35
C TRP B 101 -19.19 9.25 1.53
N ALA B 102 -20.25 8.65 2.08
CA ALA B 102 -21.49 8.57 1.32
C ALA B 102 -21.92 9.99 0.91
N LYS B 103 -21.87 10.93 1.85
CA LYS B 103 -22.33 12.31 1.63
C LYS B 103 -21.47 13.06 0.61
N ARG B 104 -20.21 12.68 0.50
CA ARG B 104 -19.32 13.25 -0.51
C ARG B 104 -19.80 12.88 -1.92
N TYR B 105 -20.48 11.74 -2.05
CA TYR B 105 -20.81 11.23 -3.39
C TYR B 105 -22.30 11.25 -3.74
N SER B 106 -23.16 11.45 -2.74
CA SER B 106 -24.56 11.76 -2.99
C SER B 106 -25.04 12.68 -1.90
N PRO B 107 -25.83 13.72 -2.27
CA PRO B 107 -26.39 14.62 -1.25
C PRO B 107 -27.52 13.94 -0.44
N HIS B 108 -27.95 12.75 -0.87
CA HIS B 108 -29.12 12.15 -0.25
C HIS B 108 -28.71 11.07 0.75
N LEU B 109 -28.74 11.43 2.03
CA LEU B 109 -28.29 10.52 3.10
C LEU B 109 -29.35 10.40 4.19
N LEU B 110 -29.73 9.16 4.47
CA LEU B 110 -30.57 8.84 5.63
C LEU B 110 -29.70 7.99 6.55
N GLU B 111 -29.94 8.05 7.86
CA GLU B 111 -29.13 7.28 8.79
CA GLU B 111 -29.13 7.28 8.78
C GLU B 111 -29.95 6.65 9.91
N ILE B 112 -29.56 5.45 10.31
CA ILE B 112 -30.03 4.86 11.57
C ILE B 112 -28.80 4.83 12.44
N GLU B 113 -28.87 5.53 13.58
CA GLU B 113 -27.74 5.56 14.52
CA GLU B 113 -27.75 5.58 14.51
C GLU B 113 -28.18 5.06 15.89
N VAL B 114 -27.33 4.23 16.49
CA VAL B 114 -27.52 3.77 17.88
C VAL B 114 -26.25 4.14 18.63
N PRO B 115 -26.33 4.27 19.97
CA PRO B 115 -25.11 4.58 20.76
C PRO B 115 -24.03 3.51 20.52
N TYR B 116 -22.78 3.86 20.80
CA TYR B 116 -21.62 3.10 20.32
C TYR B 116 -21.28 1.91 21.18
N ASN B 117 -22.21 1.46 22.02
CA ASN B 117 -22.09 0.12 22.62
C ASN B 117 -23.21 -0.83 22.17
N GLU B 118 -24.03 -0.39 21.21
CA GLU B 118 -25.21 -1.16 20.80
C GLU B 118 -25.05 -1.71 19.38
N ALA B 119 -25.97 -2.58 18.96
CA ALA B 119 -26.03 -3.02 17.56
C ALA B 119 -27.27 -2.45 16.88
N ILE B 120 -27.21 -2.36 15.56
CA ILE B 120 -28.35 -1.99 14.73
C ILE B 120 -29.45 -3.05 14.83
N ASP B 121 -30.68 -2.61 15.00
CA ASP B 121 -31.82 -3.49 15.14
C ASP B 121 -32.40 -3.79 13.74
N PRO B 122 -32.39 -5.06 13.31
CA PRO B 122 -32.98 -5.39 12.00
C PRO B 122 -34.43 -4.90 11.81
N GLN B 123 -35.22 -4.83 12.88
CA GLN B 123 -36.58 -4.32 12.77
C GLN B 123 -36.59 -2.83 12.40
N ALA B 124 -35.68 -2.07 13.00
CA ALA B 124 -35.51 -0.65 12.65
C ALA B 124 -35.15 -0.49 11.16
N VAL B 125 -34.26 -1.36 10.67
CA VAL B 125 -33.90 -1.38 9.24
C VAL B 125 -35.10 -1.73 8.34
N ALA B 126 -35.84 -2.78 8.68
CA ALA B 126 -37.00 -3.15 7.89
C ALA B 126 -38.01 -1.99 7.83
N ASP B 127 -38.22 -1.33 8.95
CA ASP B 127 -39.15 -0.19 9.01
C ASP B 127 -38.67 0.99 8.16
N MET B 128 -37.38 1.30 8.26
CA MET B 128 -36.81 2.45 7.53
C MET B 128 -36.92 2.21 6.03
N LEU B 129 -36.57 1.01 5.58
CA LEU B 129 -36.69 0.65 4.16
C LEU B 129 -38.15 0.70 3.66
N LYS B 130 -39.09 0.25 4.48
CA LYS B 130 -40.51 0.31 4.09
C LYS B 130 -40.97 1.78 3.95
N ALA B 131 -40.51 2.64 4.86
CA ALA B 131 -40.92 4.04 4.87
C ALA B 131 -40.25 4.82 3.73
N HIS B 132 -39.13 4.30 3.21
CA HIS B 132 -38.33 5.02 2.22
C HIS B 132 -37.97 4.15 1.01
N PRO B 133 -38.95 3.94 0.11
CA PRO B 133 -38.68 3.13 -1.09
C PRO B 133 -37.61 3.74 -1.99
N GLU B 134 -37.36 5.04 -1.83
CA GLU B 134 -36.32 5.72 -2.61
C GLU B 134 -34.89 5.22 -2.26
N ILE B 135 -34.71 4.53 -1.14
CA ILE B 135 -33.36 4.02 -0.74
C ILE B 135 -32.82 3.09 -1.84
N THR B 136 -31.60 3.39 -2.30
CA THR B 136 -30.97 2.54 -3.31
C THR B 136 -29.64 1.89 -2.87
N VAL B 137 -28.99 2.48 -1.86
CA VAL B 137 -27.75 1.95 -1.32
C VAL B 137 -27.79 1.93 0.21
N VAL B 138 -27.35 0.83 0.81
CA VAL B 138 -27.31 0.74 2.27
C VAL B 138 -25.87 0.37 2.68
N SER B 139 -25.30 1.06 3.66
CA SER B 139 -23.97 0.69 4.17
C SER B 139 -24.00 0.24 5.63
N VAL B 140 -23.19 -0.75 5.93
CA VAL B 140 -23.17 -1.30 7.27
C VAL B 140 -21.76 -1.77 7.64
N CYS B 141 -21.41 -1.65 8.93
CA CYS B 141 -20.14 -2.18 9.42
C CYS B 141 -20.45 -3.46 10.24
N HIS B 142 -19.71 -4.54 9.96
CA HIS B 142 -19.99 -5.83 10.63
C HIS B 142 -19.47 -5.82 12.07
N HIS B 143 -18.15 -5.60 12.23
CA HIS B 143 -17.51 -5.44 13.54
C HIS B 143 -16.99 -4.03 13.56
N ASP B 144 -17.66 -3.15 14.31
CA ASP B 144 -17.18 -1.77 14.42
C ASP B 144 -16.16 -1.74 15.51
N THR B 145 -14.90 -1.96 15.09
CA THR B 145 -13.85 -2.37 16.01
C THR B 145 -13.67 -1.49 17.23
N PRO B 146 -13.73 -0.16 17.07
CA PRO B 146 -13.54 0.70 18.25
C PRO B 146 -14.54 0.51 19.37
N SER B 147 -15.60 -0.25 19.14
CA SER B 147 -16.62 -0.60 20.14
C SER B 147 -16.64 -2.10 20.50
N GLY B 148 -15.96 -2.91 19.69
CA GLY B 148 -15.93 -4.38 19.89
C GLY B 148 -17.31 -5.03 19.80
N THR B 149 -18.18 -4.48 18.94
CA THR B 149 -19.55 -4.96 18.79
C THR B 149 -19.82 -5.45 17.35
N ILE B 150 -20.81 -6.33 17.22
CA ILE B 150 -21.13 -6.97 15.94
C ILE B 150 -22.58 -6.61 15.54
N ASN B 151 -22.75 -6.20 14.28
CA ASN B 151 -24.09 -6.03 13.71
C ASN B 151 -24.58 -7.28 12.98
N PRO B 152 -25.90 -7.50 13.00
CA PRO B 152 -26.51 -8.67 12.39
C PRO B 152 -26.58 -8.50 10.87
N ILE B 153 -25.43 -8.53 10.21
CA ILE B 153 -25.37 -8.17 8.79
C ILE B 153 -26.09 -9.14 7.85
N ASP B 154 -26.18 -10.42 8.21
CA ASP B 154 -26.89 -11.38 7.33
C ASP B 154 -28.39 -11.07 7.23
N ALA B 155 -29.06 -10.84 8.37
CA ALA B 155 -30.47 -10.39 8.38
C ALA B 155 -30.61 -9.05 7.67
N ILE B 156 -29.77 -8.08 8.04
CA ILE B 156 -29.78 -6.77 7.38
C ILE B 156 -29.65 -6.90 5.84
N GLY B 157 -28.67 -7.67 5.39
CA GLY B 157 -28.46 -7.87 3.97
C GLY B 157 -29.67 -8.47 3.24
N ALA B 158 -30.37 -9.37 3.92
CA ALA B 158 -31.57 -9.98 3.33
C ALA B 158 -32.68 -8.96 3.19
N LEU B 159 -32.84 -8.11 4.20
CA LEU B 159 -33.84 -7.06 4.15
C LEU B 159 -33.53 -6.09 3.01
N VAL B 160 -32.25 -5.77 2.88
CA VAL B 160 -31.78 -4.79 1.89
C VAL B 160 -31.98 -5.36 0.50
N SER B 161 -31.67 -6.65 0.31
CA SER B 161 -31.90 -7.33 -0.97
C SER B 161 -33.39 -7.34 -1.37
N ALA B 162 -34.26 -7.62 -0.40
CA ALA B 162 -35.72 -7.64 -0.65
C ALA B 162 -36.23 -6.27 -1.10
N HIS B 163 -35.71 -5.22 -0.45
CA HIS B 163 -35.96 -3.83 -0.86
C HIS B 163 -35.48 -3.52 -2.29
N GLY B 164 -34.41 -4.17 -2.74
CA GLY B 164 -33.85 -4.00 -4.08
C GLY B 164 -32.68 -3.02 -4.10
N ALA B 165 -32.13 -2.74 -2.91
CA ALA B 165 -31.01 -1.80 -2.76
C ALA B 165 -29.65 -2.55 -2.79
N TYR B 166 -28.57 -1.78 -2.99
CA TYR B 166 -27.20 -2.31 -2.96
C TYR B 166 -26.71 -2.29 -1.52
N LEU B 167 -25.90 -3.27 -1.13
CA LEU B 167 -25.37 -3.31 0.22
C LEU B 167 -23.84 -3.17 0.22
N ILE B 168 -23.34 -2.22 1.01
CA ILE B 168 -21.90 -2.12 1.24
C ILE B 168 -21.60 -2.55 2.66
N VAL B 169 -20.71 -3.53 2.78
CA VAL B 169 -20.34 -4.09 4.08
C VAL B 169 -18.87 -3.91 4.38
N ASP B 170 -18.57 -3.41 5.58
CA ASP B 170 -17.20 -3.39 6.07
C ASP B 170 -17.03 -4.62 7.00
N ALA B 171 -16.28 -5.62 6.54
CA ALA B 171 -15.97 -6.80 7.36
C ALA B 171 -14.46 -6.89 7.63
N VAL B 172 -13.81 -5.72 7.71
CA VAL B 172 -12.36 -5.64 7.90
C VAL B 172 -11.85 -6.40 9.13
N SER B 173 -12.58 -6.27 10.24
CA SER B 173 -12.16 -6.85 11.51
C SER B 173 -13.00 -8.06 11.92
N SER B 174 -13.71 -8.66 10.97
CA SER B 174 -14.53 -9.82 11.25
C SER B 174 -14.19 -10.99 10.33
N PHE B 175 -13.99 -10.72 9.03
CA PHE B 175 -13.68 -11.82 8.11
C PHE B 175 -12.45 -12.60 8.56
N GLY B 176 -12.55 -13.92 8.52
CA GLY B 176 -11.47 -14.79 8.94
C GLY B 176 -11.52 -15.16 10.43
N GLY B 177 -12.26 -14.41 11.24
CA GLY B 177 -12.29 -14.69 12.70
C GLY B 177 -13.67 -15.09 13.22
N MET B 178 -14.64 -15.16 12.31
CA MET B 178 -16.01 -15.61 12.62
C MET B 178 -16.68 -15.97 11.30
N LYS B 179 -17.82 -16.65 11.36
CA LYS B 179 -18.53 -17.04 10.15
C LYS B 179 -19.13 -15.83 9.45
N THR B 180 -18.52 -15.44 8.34
CA THR B 180 -19.04 -14.35 7.52
C THR B 180 -18.40 -14.44 6.13
N HIS B 181 -19.21 -14.18 5.11
CA HIS B 181 -18.79 -14.23 3.71
C HIS B 181 -19.67 -13.29 2.94
N PRO B 182 -19.16 -12.72 1.83
CA PRO B 182 -20.01 -11.85 1.01
C PRO B 182 -21.43 -12.38 0.73
N GLU B 183 -21.58 -13.64 0.35
N GLU B 183 -21.52 -13.66 0.31
CA GLU B 183 -22.90 -14.11 -0.06
CA GLU B 183 -22.79 -14.33 -0.04
C GLU B 183 -23.79 -14.51 1.11
C GLU B 183 -23.75 -14.34 1.12
N ASP B 184 -23.21 -14.62 2.31
CA ASP B 184 -24.01 -14.82 3.53
C ASP B 184 -24.90 -13.61 3.83
N CYS B 185 -24.40 -12.41 3.49
CA CYS B 185 -25.15 -11.19 3.76
C CYS B 185 -25.63 -10.47 2.49
N LYS B 186 -25.57 -11.15 1.35
CA LYS B 186 -26.00 -10.53 0.08
C LYS B 186 -25.28 -9.20 -0.20
N ALA B 187 -23.98 -9.20 0.04
CA ALA B 187 -23.18 -8.01 -0.10
C ALA B 187 -22.96 -7.71 -1.58
N ASP B 188 -23.08 -6.44 -1.95
CA ASP B 188 -22.72 -5.99 -3.29
C ASP B 188 -21.27 -5.54 -3.33
N ILE B 189 -20.83 -4.90 -2.25
CA ILE B 189 -19.43 -4.64 -1.97
CA ILE B 189 -19.43 -4.67 -1.99
C ILE B 189 -19.14 -5.13 -0.56
N TYR B 190 -18.13 -6.00 -0.41
CA TYR B 190 -17.76 -6.52 0.90
C TYR B 190 -16.26 -6.28 1.07
N VAL B 191 -15.93 -5.37 2.00
CA VAL B 191 -14.55 -4.93 2.17
C VAL B 191 -13.92 -5.64 3.36
N THR B 192 -12.82 -6.33 3.11
CA THR B 192 -12.01 -6.85 4.20
C THR B 192 -10.51 -6.63 3.90
N GLY B 193 -9.66 -7.09 4.82
CA GLY B 193 -8.23 -6.96 4.63
C GLY B 193 -7.45 -8.02 5.38
N PRO B 194 -6.13 -8.02 5.19
CA PRO B 194 -5.22 -9.05 5.67
C PRO B 194 -4.82 -8.96 7.12
N ASN B 195 -4.85 -7.76 7.71
CA ASN B 195 -4.10 -7.53 8.95
C ASN B 195 -4.94 -7.47 10.20
N LYS B 196 -6.05 -8.19 10.20
CA LYS B 196 -6.75 -8.40 11.43
C LYS B 196 -6.75 -9.92 11.70
N CYS B 197 -7.89 -10.57 11.48
CA CYS B 197 -8.00 -11.99 11.83
C CYS B 197 -7.07 -12.88 11.00
N LEU B 198 -6.78 -12.50 9.76
CA LEU B 198 -5.93 -13.33 8.89
C LEU B 198 -4.42 -13.30 9.22
N GLY B 199 -3.99 -12.37 10.07
CA GLY B 199 -2.59 -12.38 10.51
C GLY B 199 -1.56 -12.13 9.42
N ALA B 200 -1.93 -11.33 8.42
CA ALA B 200 -1.01 -10.87 7.38
C ALA B 200 -0.66 -9.41 7.57
N PRO B 201 0.42 -8.92 6.93
CA PRO B 201 0.78 -7.54 7.21
C PRO B 201 -0.22 -6.54 6.57
N PRO B 202 -0.25 -5.30 7.06
CA PRO B 202 -1.14 -4.27 6.57
C PRO B 202 -0.72 -3.73 5.20
N GLY B 203 -1.71 -3.29 4.43
CA GLY B 203 -1.42 -2.55 3.19
C GLY B 203 -2.18 -3.03 1.97
N LEU B 204 -3.01 -4.06 2.14
CA LEU B 204 -3.93 -4.52 1.07
C LEU B 204 -5.41 -4.52 1.48
N THR B 205 -6.27 -4.57 0.46
CA THR B 205 -7.72 -4.63 0.64
C THR B 205 -8.20 -5.83 -0.18
N MET B 206 -9.07 -6.64 0.40
CA MET B 206 -9.69 -7.76 -0.33
C MET B 206 -11.17 -7.45 -0.44
N MET B 207 -11.70 -7.41 -1.65
CA MET B 207 -13.05 -6.88 -1.86
C MET B 207 -13.92 -7.83 -2.67
N GLY B 208 -15.04 -8.26 -2.09
CA GLY B 208 -16.03 -9.04 -2.83
C GLY B 208 -16.89 -8.02 -3.57
N VAL B 209 -17.13 -8.26 -4.86
CA VAL B 209 -17.94 -7.36 -5.68
C VAL B 209 -19.00 -8.18 -6.43
N SER B 210 -20.27 -7.87 -6.23
CA SER B 210 -21.34 -8.56 -6.97
C SER B 210 -21.36 -8.17 -8.45
N GLU B 211 -21.85 -9.05 -9.30
CA GLU B 211 -22.03 -8.72 -10.70
C GLU B 211 -22.87 -7.45 -10.87
N ARG B 212 -23.92 -7.29 -10.06
CA ARG B 212 -24.78 -6.11 -10.06
C ARG B 212 -23.98 -4.84 -9.74
N ALA B 213 -23.10 -4.92 -8.73
CA ALA B 213 -22.23 -3.79 -8.36
C ALA B 213 -21.25 -3.42 -9.52
N TRP B 214 -20.63 -4.44 -10.12
CA TRP B 214 -19.77 -4.21 -11.31
C TRP B 214 -20.52 -3.40 -12.35
N ALA B 215 -21.75 -3.80 -12.67
CA ALA B 215 -22.50 -3.09 -13.72
C ALA B 215 -22.83 -1.64 -13.31
N LYS B 216 -23.17 -1.41 -12.04
CA LYS B 216 -23.48 -0.04 -11.58
C LYS B 216 -22.22 0.84 -11.62
N MET B 217 -21.09 0.32 -11.11
CA MET B 217 -19.86 1.11 -11.08
C MET B 217 -19.36 1.40 -12.50
N LYS B 218 -19.41 0.41 -13.38
CA LYS B 218 -18.87 0.57 -14.74
C LYS B 218 -19.71 1.51 -15.55
N ALA B 219 -20.99 1.59 -15.23
CA ALA B 219 -21.90 2.55 -15.84
C ALA B 219 -21.70 3.98 -15.38
N ASN B 220 -21.23 4.17 -14.14
CA ASN B 220 -21.17 5.49 -13.48
C ASN B 220 -20.04 6.41 -14.03
N PRO B 221 -20.40 7.52 -14.74
CA PRO B 221 -19.31 8.41 -15.24
C PRO B 221 -18.43 8.97 -14.13
N LEU B 222 -18.97 9.01 -12.92
CA LEU B 222 -18.24 9.58 -11.79
C LEU B 222 -17.36 8.57 -11.02
N ALA B 223 -17.49 7.27 -11.33
CA ALA B 223 -16.63 6.25 -10.73
C ALA B 223 -15.15 6.52 -11.07
N PRO B 224 -14.27 6.51 -10.06
CA PRO B 224 -12.84 6.74 -10.35
C PRO B 224 -12.26 5.78 -11.40
N ARG B 225 -11.54 6.33 -12.37
CA ARG B 225 -10.80 5.56 -13.40
C ARG B 225 -9.43 6.22 -13.48
N ALA B 226 -8.40 5.44 -13.82
CA ALA B 226 -7.02 5.97 -13.78
C ALA B 226 -6.77 6.71 -12.46
N SER B 227 -7.00 6.00 -11.36
CA SER B 227 -6.95 6.61 -10.02
C SER B 227 -6.64 5.51 -9.04
N MET B 228 -5.93 5.84 -7.96
CA MET B 228 -5.81 4.95 -6.81
C MET B 228 -7.19 4.53 -6.30
N LEU B 229 -8.19 5.39 -6.47
CA LEU B 229 -9.54 5.08 -5.96
C LEU B 229 -10.37 4.22 -6.92
N SER B 230 -9.77 3.78 -8.02
CA SER B 230 -10.51 3.02 -9.01
C SER B 230 -10.63 1.52 -8.65
N ILE B 231 -11.87 1.06 -8.50
CA ILE B 231 -12.14 -0.37 -8.44
C ILE B 231 -12.23 -0.89 -9.90
N VAL B 232 -12.91 -0.15 -10.77
CA VAL B 232 -13.18 -0.64 -12.12
C VAL B 232 -11.90 -0.94 -12.91
N ASP B 233 -10.83 -0.15 -12.70
CA ASP B 233 -9.53 -0.39 -13.37
C ASP B 233 -8.98 -1.81 -13.10
N TRP B 234 -9.32 -2.38 -11.93
CA TRP B 234 -8.70 -3.62 -11.43
C TRP B 234 -9.54 -4.88 -11.68
N GLU B 235 -10.64 -4.72 -12.42
CA GLU B 235 -11.55 -5.83 -12.66
C GLU B 235 -10.87 -7.11 -13.16
N ASN B 236 -9.91 -6.98 -14.08
CA ASN B 236 -9.36 -8.16 -14.76
C ASN B 236 -7.94 -8.50 -14.33
N ALA B 237 -7.43 -7.75 -13.35
CA ALA B 237 -6.02 -7.82 -12.97
C ALA B 237 -5.65 -9.16 -12.29
N TRP B 238 -6.66 -9.90 -11.84
CA TRP B 238 -6.44 -11.22 -11.23
C TRP B 238 -5.79 -12.20 -12.21
N SER B 239 -6.01 -12.00 -13.51
CA SER B 239 -5.63 -13.01 -14.50
C SER B 239 -4.14 -12.93 -14.89
N ARG B 240 -3.48 -14.09 -14.94
CA ARG B 240 -2.08 -14.19 -15.28
C ARG B 240 -1.78 -13.64 -16.68
N ASP B 241 -2.82 -13.52 -17.49
CA ASP B 241 -2.71 -13.00 -18.85
C ASP B 241 -3.08 -11.52 -18.99
N LYS B 242 -3.26 -10.83 -17.87
CA LYS B 242 -3.70 -9.43 -17.89
C LYS B 242 -2.70 -8.53 -17.16
N PRO B 243 -2.66 -7.22 -17.55
CA PRO B 243 -1.76 -6.28 -16.89
C PRO B 243 -2.29 -5.81 -15.53
N PHE B 244 -1.41 -5.16 -14.78
CA PHE B 244 -1.73 -4.51 -13.51
C PHE B 244 -1.87 -3.02 -13.80
N PRO B 245 -3.01 -2.42 -13.42
CA PRO B 245 -3.20 -0.97 -13.58
C PRO B 245 -2.02 -0.12 -13.06
N PHE B 246 -1.50 -0.46 -11.87
CA PHE B 246 -0.24 0.08 -11.42
C PHE B 246 0.48 -1.04 -10.68
N THR B 247 1.72 -0.82 -10.28
CA THR B 247 2.51 -1.90 -9.69
C THR B 247 1.89 -2.45 -8.36
N PRO B 248 1.58 -3.76 -8.31
CA PRO B 248 1.03 -4.30 -7.09
C PRO B 248 2.07 -4.37 -5.97
N SER B 249 1.59 -4.46 -4.72
CA SER B 249 2.47 -4.56 -3.58
C SER B 249 2.99 -5.97 -3.43
N VAL B 250 4.04 -6.27 -4.19
CA VAL B 250 4.55 -7.64 -4.37
C VAL B 250 4.81 -8.36 -3.06
N SER B 251 5.50 -7.71 -2.14
CA SER B 251 5.81 -8.37 -0.85
C SER B 251 4.57 -8.65 -0.02
N GLU B 252 3.61 -7.73 -0.03
CA GLU B 252 2.36 -7.94 0.69
C GLU B 252 1.58 -9.10 0.10
N ILE B 253 1.61 -9.23 -1.22
CA ILE B 253 0.99 -10.38 -1.92
C ILE B 253 1.65 -11.71 -1.51
N ASN B 254 2.98 -11.72 -1.39
CA ASN B 254 3.73 -12.89 -0.86
C ASN B 254 3.27 -13.27 0.52
N GLY B 255 3.10 -12.27 1.39
CA GLY B 255 2.61 -12.50 2.74
C GLY B 255 1.16 -13.00 2.77
N LEU B 256 0.32 -12.42 1.93
CA LEU B 256 -1.07 -12.81 1.87
C LEU B 256 -1.21 -14.25 1.37
N ASP B 257 -0.36 -14.64 0.41
CA ASP B 257 -0.29 -16.01 -0.11
C ASP B 257 -0.13 -17.00 1.04
N VAL B 258 0.84 -16.73 1.93
CA VAL B 258 1.10 -17.60 3.08
C VAL B 258 -0.08 -17.55 4.07
N ALA B 259 -0.62 -16.36 4.33
CA ALA B 259 -1.74 -16.24 5.28
C ALA B 259 -2.96 -17.02 4.83
N LEU B 260 -3.27 -16.96 3.52
CA LEU B 260 -4.41 -17.73 2.98
C LEU B 260 -4.20 -19.24 3.11
N ASP B 261 -2.98 -19.69 2.85
CA ASP B 261 -2.62 -21.11 3.03
C ASP B 261 -2.87 -21.54 4.49
N LEU B 262 -2.41 -20.75 5.45
CA LEU B 262 -2.57 -21.05 6.86
C LEU B 262 -4.04 -21.19 7.24
N TYR B 263 -4.84 -20.22 6.79
CA TYR B 263 -6.27 -20.17 7.08
C TYR B 263 -6.98 -21.40 6.53
N LEU B 264 -6.78 -21.66 5.25
CA LEU B 264 -7.39 -22.79 4.57
C LEU B 264 -6.90 -24.16 5.08
N ASN B 265 -5.61 -24.26 5.37
CA ASN B 265 -5.05 -25.48 5.95
C ASN B 265 -5.58 -25.78 7.37
N GLU B 266 -5.69 -24.76 8.22
CA GLU B 266 -6.19 -24.96 9.56
C GLU B 266 -7.66 -25.29 9.53
N GLY B 267 -8.37 -24.67 8.58
CA GLY B 267 -9.80 -24.87 8.42
C GLY B 267 -10.52 -23.68 9.02
N PRO B 268 -11.29 -22.95 8.19
CA PRO B 268 -11.97 -21.75 8.68
C PRO B 268 -12.78 -21.95 9.94
N GLU B 269 -13.57 -23.03 10.04
CA GLU B 269 -14.35 -23.24 11.28
C GLU B 269 -13.48 -23.38 12.54
N ALA B 270 -12.35 -24.09 12.44
CA ALA B 270 -11.42 -24.23 13.56
C ALA B 270 -10.84 -22.86 13.96
N VAL B 271 -10.47 -22.06 12.95
CA VAL B 271 -9.95 -20.70 13.19
C VAL B 271 -11.00 -19.85 13.90
N TRP B 272 -12.25 -19.88 13.40
CA TRP B 272 -13.31 -19.09 14.05
C TRP B 272 -13.56 -19.53 15.48
N ALA B 273 -13.52 -20.84 15.71
CA ALA B 273 -13.75 -21.37 17.06
C ALA B 273 -12.73 -20.85 18.06
N ARG B 274 -11.46 -20.79 17.67
CA ARG B 274 -10.46 -20.32 18.63
C ARG B 274 -10.49 -18.81 18.85
N HIS B 275 -10.92 -18.05 17.84
CA HIS B 275 -11.20 -16.61 18.05
C HIS B 275 -12.30 -16.48 19.12
N ALA B 276 -13.44 -17.14 18.88
CA ALA B 276 -14.59 -17.06 19.81
C ALA B 276 -14.23 -17.53 21.22
N LEU B 277 -13.48 -18.62 21.32
CA LEU B 277 -13.11 -19.16 22.64
C LEU B 277 -12.22 -18.19 23.42
N THR B 278 -11.27 -17.57 22.71
CA THR B 278 -10.39 -16.61 23.32
C THR B 278 -11.18 -15.39 23.84
N ALA B 279 -12.07 -14.86 23.00
CA ALA B 279 -12.93 -13.74 23.39
C ALA B 279 -13.85 -14.10 24.53
N LYS B 280 -14.46 -15.29 24.45
CA LYS B 280 -15.39 -15.72 25.51
C LYS B 280 -14.67 -15.83 26.86
N ALA B 281 -13.48 -16.39 26.85
CA ALA B 281 -12.68 -16.49 28.08
C ALA B 281 -12.33 -15.09 28.62
N MET B 282 -11.98 -14.19 27.71
CA MET B 282 -11.65 -12.82 28.07
C MET B 282 -12.81 -12.13 28.77
N ARG B 283 -13.98 -12.21 28.14
CA ARG B 283 -15.17 -11.57 28.70
C ARG B 283 -15.51 -12.16 30.09
N ALA B 284 -15.41 -13.48 30.23
CA ALA B 284 -15.68 -14.13 31.52
C ALA B 284 -14.73 -13.61 32.60
N GLY B 285 -13.46 -13.47 32.24
CA GLY B 285 -12.46 -12.97 33.17
C GLY B 285 -12.69 -11.51 33.56
N VAL B 286 -13.02 -10.69 32.58
CA VAL B 286 -13.27 -9.26 32.79
C VAL B 286 -14.41 -9.11 33.81
N THR B 287 -15.50 -9.83 33.56
CA THR B 287 -16.69 -9.73 34.42
C THR B 287 -16.38 -10.28 35.83
N ALA B 288 -15.71 -11.41 35.88
CA ALA B 288 -15.42 -12.04 37.17
C ALA B 288 -14.50 -11.21 38.04
N MET B 289 -13.59 -10.43 37.43
CA MET B 289 -12.69 -9.62 38.27
C MET B 289 -13.31 -8.31 38.76
N GLY B 290 -14.44 -7.94 38.17
CA GLY B 290 -15.17 -6.78 38.62
C GLY B 290 -15.24 -5.67 37.59
N LEU B 291 -14.85 -5.95 36.35
CA LEU B 291 -14.95 -4.94 35.27
C LEU B 291 -16.16 -5.20 34.38
N SER B 292 -16.44 -4.26 33.46
CA SER B 292 -17.58 -4.38 32.53
C SER B 292 -17.13 -4.45 31.09
N VAL B 293 -17.64 -5.43 30.36
CA VAL B 293 -17.54 -5.45 28.91
C VAL B 293 -18.36 -4.28 28.36
N TRP B 294 -17.76 -3.56 27.41
CA TRP B 294 -18.39 -2.37 26.84
C TRP B 294 -19.75 -2.65 26.15
N ALA B 295 -19.81 -3.70 25.35
CA ALA B 295 -21.00 -4.08 24.59
C ALA B 295 -22.24 -4.08 25.49
N ALA B 296 -23.34 -3.51 24.99
CA ALA B 296 -24.62 -3.44 25.73
C ALA B 296 -25.12 -4.82 26.15
N SER B 297 -24.82 -5.83 25.33
CA SER B 297 -25.17 -7.20 25.68
C SER B 297 -24.06 -8.16 25.24
N ASP B 298 -23.93 -9.29 25.95
CA ASP B 298 -22.96 -10.30 25.58
C ASP B 298 -23.19 -10.83 24.17
N SER B 299 -24.45 -10.90 23.75
CA SER B 299 -24.79 -11.45 22.42
C SER B 299 -24.18 -10.66 21.24
N ILE B 300 -23.87 -9.39 21.46
CA ILE B 300 -23.30 -8.57 20.36
C ILE B 300 -21.80 -8.29 20.52
N ALA B 301 -21.19 -8.88 21.53
CA ALA B 301 -19.75 -8.71 21.74
C ALA B 301 -18.97 -9.46 20.68
N SER B 302 -17.93 -8.82 20.16
CA SER B 302 -17.17 -9.43 19.07
C SER B 302 -16.32 -10.63 19.50
N PRO B 303 -16.30 -11.69 18.69
CA PRO B 303 -15.38 -12.77 19.03
C PRO B 303 -13.93 -12.45 18.62
N THR B 304 -13.68 -11.27 18.08
CA THR B 304 -12.31 -10.90 17.64
C THR B 304 -11.72 -9.68 18.36
N THR B 305 -12.49 -9.07 19.26
CA THR B 305 -12.02 -7.97 20.08
C THR B 305 -12.90 -7.86 21.31
N THR B 306 -12.27 -7.75 22.49
CA THR B 306 -13.03 -7.42 23.68
C THR B 306 -12.75 -5.99 24.04
N ALA B 307 -13.82 -5.20 24.12
CA ALA B 307 -13.72 -3.84 24.60
C ALA B 307 -14.19 -3.83 26.06
N VAL B 308 -13.35 -3.25 26.92
CA VAL B 308 -13.57 -3.21 28.35
C VAL B 308 -13.80 -1.75 28.74
N ARG B 309 -14.96 -1.50 29.35
CA ARG B 309 -15.32 -0.13 29.73
C ARG B 309 -14.36 0.41 30.80
N THR B 310 -13.88 1.63 30.63
CA THR B 310 -13.02 2.25 31.65
C THR B 310 -13.85 2.58 32.90
N PRO B 311 -13.43 2.13 34.11
CA PRO B 311 -14.19 2.56 35.30
C PRO B 311 -14.19 4.09 35.39
N ASP B 312 -15.32 4.68 35.78
CA ASP B 312 -15.43 6.16 35.81
C ASP B 312 -14.32 6.62 36.73
N GLY B 313 -13.55 7.61 36.32
CA GLY B 313 -12.48 8.05 37.21
C GLY B 313 -11.11 7.54 36.82
N VAL B 314 -11.04 6.38 36.15
CA VAL B 314 -9.73 5.87 35.72
C VAL B 314 -9.29 6.60 34.45
N ASP B 315 -8.01 6.92 34.37
CA ASP B 315 -7.39 7.57 33.18
C ASP B 315 -7.01 6.43 32.23
N GLU B 316 -7.75 6.29 31.13
CA GLU B 316 -7.59 5.13 30.25
C GLU B 316 -6.27 5.14 29.54
N LYS B 317 -5.83 6.33 29.12
CA LYS B 317 -4.51 6.44 28.50
C LYS B 317 -3.43 5.99 29.45
N ALA B 318 -3.47 6.48 30.69
CA ALA B 318 -2.47 6.08 31.68
C ALA B 318 -2.51 4.59 31.98
N LEU B 319 -3.72 4.01 31.96
CA LEU B 319 -3.90 2.57 32.11
C LEU B 319 -3.08 1.78 31.07
N ARG B 320 -3.30 2.10 29.78
CA ARG B 320 -2.57 1.40 28.70
C ARG B 320 -1.08 1.60 28.82
N GLN B 321 -0.67 2.81 29.17
CA GLN B 321 0.75 3.10 29.38
C GLN B 321 1.34 2.26 30.52
N ALA B 322 0.58 2.10 31.59
CA ALA B 322 0.99 1.26 32.72
C ALA B 322 1.06 -0.21 32.34
N ALA B 323 0.08 -0.70 31.57
CA ALA B 323 0.10 -2.10 31.16
C ALA B 323 1.37 -2.44 30.35
N ARG B 324 1.77 -1.53 29.46
CA ARG B 324 3.01 -1.71 28.69
C ARG B 324 4.28 -1.54 29.56
N ALA B 325 4.34 -0.47 30.36
CA ALA B 325 5.52 -0.18 31.18
C ALA B 325 5.76 -1.26 32.23
N ARG B 326 4.70 -1.76 32.83
CA ARG B 326 4.83 -2.74 33.93
C ARG B 326 4.95 -4.19 33.45
N TYR B 327 4.17 -4.54 32.42
CA TYR B 327 4.06 -5.94 32.00
C TYR B 327 4.50 -6.25 30.56
N GLY B 328 4.77 -5.20 29.78
CA GLY B 328 5.23 -5.39 28.41
C GLY B 328 4.11 -5.78 27.47
N VAL B 329 2.85 -5.59 27.92
CA VAL B 329 1.66 -5.96 27.14
C VAL B 329 0.97 -4.74 26.55
N VAL B 330 0.70 -4.77 25.25
CA VAL B 330 0.16 -3.59 24.56
C VAL B 330 -1.30 -3.82 24.19
N PHE B 331 -2.16 -2.89 24.64
CA PHE B 331 -3.59 -2.93 24.30
C PHE B 331 -3.92 -1.79 23.34
N SER B 332 -5.07 -1.89 22.66
CA SER B 332 -5.54 -0.79 21.82
C SER B 332 -6.35 0.22 22.63
N SER B 333 -6.20 1.49 22.29
CA SER B 333 -7.08 2.53 22.78
C SER B 333 -8.39 2.39 22.05
N GLY B 334 -9.38 3.20 22.42
CA GLY B 334 -10.57 3.36 21.60
C GLY B 334 -10.20 4.19 20.36
N ARG B 335 -11.21 4.68 19.65
CA ARG B 335 -10.97 5.57 18.51
C ARG B 335 -12.15 6.54 18.44
N GLY B 336 -11.86 7.79 18.08
CA GLY B 336 -12.93 8.79 17.91
C GLY B 336 -13.76 8.87 19.19
N GLU B 337 -15.07 8.69 19.06
CA GLU B 337 -15.96 8.78 20.23
C GLU B 337 -15.79 7.69 21.28
N THR B 338 -15.05 6.60 21.00
CA THR B 338 -14.75 5.63 22.08
C THR B 338 -13.40 5.85 22.75
N LEU B 339 -12.63 6.82 22.25
CA LEU B 339 -11.34 7.11 22.85
C LEU B 339 -11.57 7.62 24.27
N GLY B 340 -10.87 7.01 25.23
CA GLY B 340 -11.02 7.38 26.64
C GLY B 340 -12.14 6.66 27.40
N LYS B 341 -13.02 5.97 26.65
CA LYS B 341 -14.22 5.33 27.22
C LYS B 341 -13.98 3.85 27.52
N LEU B 342 -13.04 3.27 26.80
CA LEU B 342 -12.79 1.83 26.85
C LEU B 342 -11.37 1.48 26.45
N THR B 343 -10.99 0.23 26.74
CA THR B 343 -9.70 -0.34 26.30
C THR B 343 -10.03 -1.56 25.44
N ARG B 344 -9.28 -1.78 24.36
CA ARG B 344 -9.54 -2.96 23.52
C ARG B 344 -8.43 -3.99 23.56
N ILE B 345 -8.84 -5.26 23.61
CA ILE B 345 -7.92 -6.37 23.52
C ILE B 345 -8.32 -7.13 22.28
N GLY B 346 -7.40 -7.17 21.31
CA GLY B 346 -7.65 -7.91 20.07
C GLY B 346 -7.44 -9.39 20.32
N HIS B 347 -8.26 -10.21 19.68
CA HIS B 347 -8.04 -11.64 19.62
C HIS B 347 -8.09 -11.94 18.14
N MET B 348 -6.94 -11.86 17.48
CA MET B 348 -6.94 -11.84 16.02
C MET B 348 -5.75 -12.60 15.49
N GLY B 349 -6.01 -13.60 14.64
CA GLY B 349 -4.90 -14.36 14.04
C GLY B 349 -4.04 -15.00 15.13
N PRO B 350 -2.72 -14.68 15.14
CA PRO B 350 -1.88 -15.32 16.17
C PRO B 350 -2.29 -15.05 17.62
N THR B 351 -3.02 -13.96 17.87
CA THR B 351 -3.42 -13.69 19.26
C THR B 351 -4.79 -14.29 19.59
N ALA B 352 -5.41 -14.98 18.63
CA ALA B 352 -6.63 -15.73 18.96
C ALA B 352 -6.28 -17.11 19.51
N GLN B 353 -5.62 -17.11 20.66
CA GLN B 353 -5.32 -18.32 21.43
C GLN B 353 -5.63 -17.98 22.85
N PRO B 354 -6.41 -18.87 23.52
CA PRO B 354 -6.91 -18.57 24.87
C PRO B 354 -5.85 -18.18 25.86
N ILE B 355 -4.64 -18.74 25.77
CA ILE B 355 -3.60 -18.34 26.72
C ILE B 355 -3.33 -16.81 26.68
N TYR B 356 -3.54 -16.16 25.52
CA TYR B 356 -3.33 -14.70 25.48
C TYR B 356 -4.40 -13.91 26.23
N ALA B 357 -5.60 -14.48 26.34
CA ALA B 357 -6.66 -13.86 27.18
C ALA B 357 -6.18 -13.84 28.63
N ILE B 358 -5.51 -14.93 29.05
CA ILE B 358 -4.94 -15.04 30.40
C ILE B 358 -3.89 -13.95 30.63
N ALA B 359 -2.95 -13.79 29.69
CA ALA B 359 -1.97 -12.70 29.78
C ALA B 359 -2.65 -11.33 29.79
N ALA B 360 -3.61 -11.14 28.90
CA ALA B 360 -4.31 -9.83 28.81
C ALA B 360 -5.03 -9.48 30.13
N LEU B 361 -5.75 -10.44 30.67
CA LEU B 361 -6.45 -10.28 31.94
C LEU B 361 -5.53 -9.86 33.06
N THR B 362 -4.37 -10.48 33.11
CA THR B 362 -3.46 -10.23 34.23
C THR B 362 -2.89 -8.82 34.09
N ALA B 363 -2.46 -8.44 32.87
CA ALA B 363 -1.90 -7.09 32.65
C ALA B 363 -2.94 -5.96 32.80
N LEU B 364 -4.16 -6.21 32.33
CA LEU B 364 -5.24 -5.23 32.43
C LEU B 364 -5.63 -5.04 33.90
N GLY B 365 -5.84 -6.16 34.60
CA GLY B 365 -6.15 -6.15 36.04
C GLY B 365 -5.06 -5.52 36.89
N GLY B 366 -3.82 -5.90 36.62
CA GLY B 366 -2.68 -5.31 37.34
C GLY B 366 -2.58 -3.81 37.11
N ALA B 367 -2.84 -3.37 35.89
CA ALA B 367 -2.77 -1.94 35.57
C ALA B 367 -3.88 -1.15 36.26
N MET B 368 -5.08 -1.75 36.28
CA MET B 368 -6.26 -1.22 36.92
C MET B 368 -6.04 -1.10 38.42
N ASN B 369 -5.46 -2.14 39.03
CA ASN B 369 -5.18 -2.11 40.46
C ASN B 369 -4.09 -1.07 40.81
N ALA B 370 -3.14 -0.86 39.91
CA ALA B 370 -2.17 0.23 40.08
C ALA B 370 -2.84 1.61 39.99
N ALA B 371 -3.98 1.69 39.31
CA ALA B 371 -4.79 2.91 39.26
C ALA B 371 -5.75 3.03 40.47
N GLY B 372 -5.62 2.13 41.45
CA GLY B 372 -6.43 2.23 42.67
C GLY B 372 -7.73 1.43 42.68
N ARG B 373 -7.97 0.62 41.65
CA ARG B 373 -9.13 -0.26 41.66
CA ARG B 373 -9.13 -0.26 41.66
C ARG B 373 -8.78 -1.45 42.55
N LYS B 374 -9.78 -2.23 42.91
CA LYS B 374 -9.50 -3.37 43.77
C LYS B 374 -10.16 -4.59 43.15
N LEU B 375 -9.67 -4.94 41.97
CA LEU B 375 -10.19 -6.05 41.20
C LEU B 375 -9.77 -7.40 41.76
N ALA B 376 -10.65 -8.37 41.58
CA ALA B 376 -10.42 -9.75 41.98
C ALA B 376 -9.73 -10.49 40.84
N ILE B 377 -8.45 -10.19 40.63
CA ILE B 377 -7.71 -10.66 39.44
C ILE B 377 -7.69 -12.18 39.40
N GLY B 378 -7.33 -12.79 40.53
CA GLY B 378 -7.37 -14.25 40.65
C GLY B 378 -8.69 -14.87 40.23
N LYS B 379 -9.80 -14.31 40.72
CA LYS B 379 -11.14 -14.78 40.33
CA LYS B 379 -11.14 -14.79 40.33
C LYS B 379 -11.33 -14.67 38.80
N GLY B 380 -10.83 -13.58 38.22
CA GLY B 380 -10.88 -13.37 36.77
C GLY B 380 -10.14 -14.43 35.96
N ILE B 381 -8.91 -14.78 36.39
CA ILE B 381 -8.15 -15.84 35.72
C ILE B 381 -8.86 -17.19 35.83
N GLU B 382 -9.37 -17.50 37.02
CA GLU B 382 -10.11 -18.74 37.25
C GLU B 382 -11.38 -18.83 36.38
N ALA B 383 -12.11 -17.73 36.24
CA ALA B 383 -13.27 -17.69 35.33
C ALA B 383 -12.87 -17.89 33.86
N ALA B 384 -11.79 -17.24 33.42
CA ALA B 384 -11.33 -17.43 32.04
C ALA B 384 -10.92 -18.90 31.82
N LEU B 385 -10.19 -19.46 32.78
CA LEU B 385 -9.71 -20.85 32.68
C LEU B 385 -10.87 -21.85 32.67
N ALA B 386 -11.92 -21.56 33.46
CA ALA B 386 -13.12 -22.41 33.46
C ALA B 386 -13.74 -22.45 32.08
N VAL B 387 -13.79 -21.31 31.39
CA VAL B 387 -14.32 -21.26 30.03
C VAL B 387 -13.47 -22.14 29.08
N ILE B 388 -12.15 -22.03 29.20
CA ILE B 388 -11.26 -22.81 28.33
C ILE B 388 -11.47 -24.30 28.64
N ASP B 389 -11.45 -24.64 29.92
CA ASP B 389 -11.57 -26.04 30.33
C ASP B 389 -12.95 -26.64 29.97
N ALA B 390 -13.99 -25.80 29.97
CA ALA B 390 -15.35 -26.26 29.63
C ALA B 390 -15.50 -26.53 28.15
N ASP B 391 -14.61 -25.96 27.32
CA ASP B 391 -14.83 -26.00 25.88
C ASP B 391 -14.82 -27.41 25.34
N ALA B 392 -16.00 -27.79 24.84
CA ALA B 392 -16.24 -29.11 24.27
C ALA B 392 -16.08 -28.94 22.78
#